data_6AZL
#
_entry.id   6AZL
#
_cell.length_a   64.570
_cell.length_b   83.050
_cell.length_c   212.110
_cell.angle_alpha   90.00
_cell.angle_beta   90.00
_cell.angle_gamma   90.00
#
_symmetry.space_group_name_H-M   'P 21 21 21'
#
loop_
_entity.id
_entity.type
_entity.pdbx_description
1 polymer 'cetuximab Fab light chain'
2 polymer 'cetuximab Fab heavy chain'
3 polymer meditope
4 non-polymer 'SULFATE ION'
5 water water
#
loop_
_entity_poly.entity_id
_entity_poly.type
_entity_poly.pdbx_seq_one_letter_code
_entity_poly.pdbx_strand_id
1 'polypeptide(L)'
;DILLTQSPVILSVSPGERVSFSCRASQSIGTNIHWYQQRTNGSPRLLIKYASESISGIPSRFSGSGSGTDFTLSINSVES
EDIADYYCQQNNNWPTTFGAGTKLELKRTVAAPSVFIFPPSDEQLKSGTASVVCLLNNFYPREAKVQWKVDNALQSGNSQ
ESVTEQDSKDSTYSLSSTLTLSKADYEKHKVYACEVTHQGLSSPVTKSFNRGA
;
A,C
2 'polypeptide(L)'
;QVQLKQSGPGLVQPSQSLSITCTVSGFSLTNYGVHWVRQSPGKGLEWLGVIWSGGNTDYNTPFTSRLSINKDNSKSQVFF
KMNSLQSNDTAIYYCARALTYYDYEFAYWGQGTLVTVSAASTKGPSVFPLAPSSKSTSGGTAALGCLVKDYFPEPVTVSW
NSGALTSGVHTFPAVLQSSGLYSLSSVVTVPSSSLGTQTYICNVNHKPSNTKVDKRVEPKS
;
B,D
3 'polypeptide(L)' QFDLST(C67)RLK(011) E,F
#
loop_
_chem_comp.id
_chem_comp.type
_chem_comp.name
_chem_comp.formula
011 peptide-like '7-aminoheptanoic acid' 'C7 H15 N O2'
C67 non-polymer N~5~-[N-(2-carboxyethyl)carbamimidoyl]-L-ornithine 'C9 H18 N4 O4'
SO4 non-polymer 'SULFATE ION' 'O4 S -2'
#
# COMPACT_ATOMS: atom_id res chain seq x y z
N ASP A 1 29.02 -0.06 14.35
CA ASP A 1 28.38 1.07 13.66
C ASP A 1 26.92 1.23 14.10
N ILE A 2 26.38 2.42 13.91
CA ILE A 2 24.97 2.64 14.23
C ILE A 2 24.10 2.04 13.14
N LEU A 3 23.06 1.33 13.55
CA LEU A 3 22.10 0.79 12.62
C LEU A 3 20.91 1.74 12.57
N LEU A 4 20.55 2.17 11.37
CA LEU A 4 19.38 3.00 11.20
C LEU A 4 18.28 2.17 10.58
N THR A 5 17.12 2.18 11.24
CA THR A 5 15.99 1.41 10.78
C THR A 5 14.87 2.36 10.36
N GLN A 6 14.54 2.33 9.08
CA GLN A 6 13.46 3.14 8.54
C GLN A 6 12.18 2.34 8.38
N SER A 7 11.07 2.90 8.85
CA SER A 7 9.78 2.23 8.72
C SER A 7 8.70 3.19 8.24
N PRO A 8 7.70 2.66 7.53
CA PRO A 8 7.73 1.29 6.99
C PRO A 8 8.58 1.28 5.71
N VAL A 9 8.60 0.15 5.02
CA VAL A 9 9.33 0.06 3.75
C VAL A 9 8.65 0.90 2.68
N ILE A 10 7.32 0.82 2.61
CA ILE A 10 6.56 1.57 1.60
C ILE A 10 5.45 2.41 2.21
N LEU A 11 5.33 3.66 1.75
CA LEU A 11 4.18 4.50 2.08
C LEU A 11 3.33 4.77 0.83
N SER A 12 2.02 4.71 0.99
CA SER A 12 1.11 5.03 -0.11
C SER A 12 0.13 6.10 0.36
N VAL A 13 0.18 7.25 -0.29
CA VAL A 13 -0.64 8.39 0.13
C VAL A 13 -1.29 9.08 -1.08
N SER A 14 -2.25 9.96 -0.82
CA SER A 14 -2.89 10.71 -1.89
C SER A 14 -2.36 12.13 -1.86
N PRO A 15 -2.39 12.81 -3.01
CA PRO A 15 -1.86 14.18 -3.07
C PRO A 15 -2.54 15.07 -2.05
N GLY A 16 -1.79 16.01 -1.48
CA GLY A 16 -2.33 16.92 -0.50
C GLY A 16 -2.34 16.39 0.93
N GLU A 17 -2.24 15.07 1.10
CA GLU A 17 -2.16 14.50 2.43
C GLU A 17 -0.81 14.80 3.06
N ARG A 18 -0.78 14.88 4.38
CA ARG A 18 0.48 14.93 5.10
C ARG A 18 1.07 13.52 5.14
N VAL A 19 2.39 13.43 5.13
CA VAL A 19 3.06 12.13 5.25
C VAL A 19 4.31 12.22 6.13
N SER A 20 4.59 11.13 6.86
CA SER A 20 5.71 11.06 7.80
C SER A 20 6.61 9.85 7.59
N PHE A 21 7.92 10.07 7.57
CA PHE A 21 8.86 8.99 7.48
C PHE A 21 9.57 8.80 8.82
N SER A 22 9.71 7.56 9.25
CA SER A 22 10.34 7.27 10.52
C SER A 22 11.77 6.76 10.32
N CYS A 23 12.69 7.23 11.17
CA CYS A 23 14.07 6.69 11.22
C CYS A 23 14.42 6.41 12.65
N ARG A 24 14.74 5.16 12.96
CA ARG A 24 15.18 4.83 14.32
C ARG A 24 16.63 4.39 14.38
N ALA A 25 17.33 4.86 15.41
CA ALA A 25 18.76 4.55 15.56
C ALA A 25 19.00 3.52 16.66
N SER A 26 20.05 2.72 16.50
CA SER A 26 20.35 1.63 17.43
C SER A 26 20.87 2.11 18.79
N GLN A 27 21.33 3.37 18.84
CA GLN A 27 21.59 4.06 20.10
C GLN A 27 21.48 5.56 19.84
N SER A 28 21.48 6.37 20.90
CA SER A 28 21.23 7.79 20.73
C SER A 28 22.28 8.44 19.85
N ILE A 29 21.85 9.39 19.03
CA ILE A 29 22.74 10.08 18.11
C ILE A 29 22.43 11.56 18.14
N GLY A 30 21.79 12.00 19.23
CA GLY A 30 21.44 13.38 19.43
C GLY A 30 20.51 13.86 18.33
N THR A 31 20.97 14.85 17.57
CA THR A 31 20.21 15.33 16.44
C THR A 31 21.08 15.23 15.19
N ASN A 32 22.06 14.34 15.22
CA ASN A 32 22.97 14.20 14.10
C ASN A 32 22.40 13.25 13.04
N ILE A 33 21.39 13.74 12.34
CA ILE A 33 20.71 12.97 11.32
C ILE A 33 20.41 13.89 10.13
N HIS A 34 20.65 13.36 8.94
CA HIS A 34 20.33 14.06 7.68
C HIS A 34 19.37 13.23 6.85
N TRP A 35 18.58 13.88 6.01
CA TRP A 35 17.58 13.18 5.19
C TRP A 35 17.81 13.47 3.72
N TYR A 36 17.58 12.46 2.88
CA TYR A 36 17.77 12.62 1.43
C TYR A 36 16.61 12.11 0.60
N GLN A 37 16.43 12.74 -0.55
CA GLN A 37 15.48 12.30 -1.55
C GLN A 37 16.25 11.67 -2.70
N GLN A 38 15.87 10.47 -3.12
CA GLN A 38 16.37 9.95 -4.39
C GLN A 38 15.22 9.72 -5.37
N ARG A 39 15.25 10.44 -6.49
CA ARG A 39 14.25 10.29 -7.53
C ARG A 39 14.71 9.24 -8.55
N THR A 40 13.80 8.84 -9.45
CA THR A 40 14.13 7.81 -10.43
C THR A 40 15.32 8.25 -11.27
N ASN A 41 16.35 7.41 -11.31
CA ASN A 41 17.62 7.73 -11.99
C ASN A 41 18.42 8.92 -11.47
N GLY A 42 18.17 9.35 -10.23
CA GLY A 42 18.85 10.50 -9.66
C GLY A 42 19.85 10.12 -8.59
N SER A 43 20.64 11.11 -8.22
CA SER A 43 21.53 11.02 -7.07
C SER A 43 20.78 11.53 -5.84
N PRO A 44 21.26 11.17 -4.64
CA PRO A 44 20.62 11.69 -3.43
C PRO A 44 20.65 13.21 -3.38
N ARG A 45 19.52 13.79 -2.97
CA ARG A 45 19.34 15.23 -2.82
C ARG A 45 19.09 15.50 -1.33
N LEU A 46 19.91 16.37 -0.72
CA LEU A 46 19.83 16.69 0.71
C LEU A 46 18.58 17.53 1.06
N LEU A 47 17.77 17.05 2.00
CA LEU A 47 16.50 17.69 2.32
C LEU A 47 16.54 18.49 3.62
N ILE A 48 17.09 17.84 4.64
CA ILE A 48 17.13 18.37 5.99
C ILE A 48 18.49 17.97 6.54
N LYS A 49 19.12 18.85 7.29
CA LYS A 49 20.34 18.49 8.01
C LYS A 49 20.14 18.70 9.51
N TYR A 50 20.85 17.91 10.32
CA TYR A 50 20.73 17.95 11.78
C TYR A 50 19.27 17.95 12.28
N ALA A 51 18.55 16.89 11.92
CA ALA A 51 17.17 16.64 12.35
C ALA A 51 16.11 17.61 11.85
N SER A 52 16.39 18.90 11.87
CA SER A 52 15.34 19.89 11.63
C SER A 52 15.73 21.12 10.81
N GLU A 53 17.02 21.28 10.53
CA GLU A 53 17.48 22.49 9.84
C GLU A 53 17.21 22.40 8.35
N SER A 54 16.74 23.50 7.78
CA SER A 54 16.34 23.51 6.37
C SER A 54 17.54 23.64 5.44
N ILE A 55 17.32 23.33 4.17
CA ILE A 55 18.35 23.42 3.15
C ILE A 55 17.91 24.40 2.07
N SER A 56 18.84 25.24 1.62
CA SER A 56 18.60 26.13 0.49
C SER A 56 17.97 25.40 -0.70
N GLY A 57 16.88 25.94 -1.24
CA GLY A 57 16.29 25.42 -2.46
C GLY A 57 15.34 24.24 -2.30
N ILE A 58 15.13 23.82 -1.06
CA ILE A 58 14.24 22.70 -0.75
C ILE A 58 12.89 23.28 -0.40
N PRO A 59 11.83 22.84 -1.08
CA PRO A 59 10.48 23.36 -0.81
C PRO A 59 10.11 23.31 0.67
N SER A 60 9.28 24.26 1.09
CA SER A 60 8.96 24.44 2.50
C SER A 60 8.16 23.28 3.09
N ARG A 61 7.44 22.55 2.24
CA ARG A 61 6.61 21.43 2.70
C ARG A 61 7.41 20.32 3.38
N PHE A 62 8.71 20.30 3.15
CA PHE A 62 9.61 19.36 3.81
C PHE A 62 10.06 19.87 5.19
N SER A 63 9.99 19.01 6.20
CA SER A 63 10.52 19.34 7.53
C SER A 63 10.87 18.08 8.29
N GLY A 64 11.72 18.21 9.31
CA GLY A 64 12.11 17.07 10.12
C GLY A 64 12.13 17.41 11.60
N SER A 65 11.91 16.41 12.44
CA SER A 65 11.94 16.57 13.88
C SER A 65 12.52 15.32 14.53
N GLY A 66 12.75 15.38 15.83
CA GLY A 66 13.31 14.25 16.56
C GLY A 66 14.66 14.53 17.22
N SER A 67 14.97 13.69 18.22
CA SER A 67 16.26 13.65 18.88
C SER A 67 16.43 12.32 19.63
N GLY A 68 17.67 11.90 19.88
CA GLY A 68 17.90 10.63 20.54
C GLY A 68 17.95 9.49 19.56
N THR A 69 16.92 8.65 19.56
CA THR A 69 16.86 7.51 18.66
C THR A 69 15.70 7.58 17.65
N ASP A 70 14.80 8.54 17.85
CA ASP A 70 13.54 8.55 17.10
C ASP A 70 13.31 9.84 16.27
N PHE A 71 13.26 9.70 14.94
CA PHE A 71 13.26 10.87 14.05
C PHE A 71 12.18 10.82 13.00
N THR A 72 11.79 11.98 12.50
CA THR A 72 10.69 12.04 11.54
C THR A 72 10.87 13.07 10.46
N LEU A 73 10.81 12.63 9.21
CA LEU A 73 10.77 13.54 8.07
C LEU A 73 9.31 13.68 7.68
N SER A 74 8.87 14.90 7.51
CA SER A 74 7.49 15.16 7.16
C SER A 74 7.33 15.93 5.86
N ILE A 75 6.27 15.58 5.13
CA ILE A 75 5.77 16.40 4.04
C ILE A 75 4.34 16.78 4.40
N ASN A 76 4.09 18.06 4.61
CA ASN A 76 2.78 18.50 5.08
C ASN A 76 1.67 18.40 4.04
N SER A 77 2.03 18.50 2.77
CA SER A 77 1.06 18.29 1.70
C SER A 77 1.74 17.70 0.45
N VAL A 78 1.60 16.40 0.26
CA VAL A 78 2.38 15.68 -0.75
C VAL A 78 2.00 16.11 -2.14
N GLU A 79 3.01 16.33 -2.98
CA GLU A 79 2.79 16.52 -4.40
C GLU A 79 3.29 15.30 -5.18
N SER A 80 2.84 15.18 -6.43
CA SER A 80 3.21 14.04 -7.28
C SER A 80 4.70 13.97 -7.57
N GLU A 81 5.39 15.11 -7.50
CA GLU A 81 6.82 15.13 -7.74
C GLU A 81 7.60 14.62 -6.52
N ASP A 82 6.90 14.40 -5.41
CA ASP A 82 7.53 13.84 -4.23
C ASP A 82 7.75 12.34 -4.35
N ILE A 83 7.24 11.74 -5.43
CA ILE A 83 7.45 10.31 -5.69
C ILE A 83 8.94 10.01 -5.73
N ALA A 84 9.42 9.29 -4.72
CA ALA A 84 10.86 9.04 -4.55
C ALA A 84 11.12 8.05 -3.41
N ASP A 85 12.39 7.70 -3.22
CA ASP A 85 12.80 7.00 -2.03
C ASP A 85 13.44 7.97 -1.04
N TYR A 86 13.26 7.73 0.26
CA TYR A 86 13.79 8.62 1.28
C TYR A 86 14.72 7.89 2.23
N TYR A 87 15.89 8.49 2.45
CA TYR A 87 16.93 7.89 3.26
C TYR A 87 17.36 8.79 4.42
N CYS A 88 17.62 8.20 5.57
CA CYS A 88 18.21 8.96 6.68
C CYS A 88 19.68 8.60 6.85
N GLN A 89 20.46 9.56 7.37
CA GLN A 89 21.89 9.35 7.61
C GLN A 89 22.23 9.86 9.03
N GLN A 90 22.94 9.05 9.81
CA GLN A 90 23.48 9.53 11.10
C GLN A 90 24.96 9.83 10.97
N ASN A 91 25.42 10.84 11.70
CA ASN A 91 26.84 11.10 11.78
C ASN A 91 27.32 11.52 13.19
N ASN A 92 26.66 10.98 14.20
CA ASN A 92 27.11 11.15 15.57
C ASN A 92 28.29 10.22 15.84
N ASN A 93 28.28 9.05 15.17
CA ASN A 93 29.29 8.02 15.37
CA ASN A 93 29.29 8.02 15.37
C ASN A 93 29.96 7.64 14.06
N TRP A 94 31.30 7.63 14.05
CA TRP A 94 32.04 7.20 12.87
C TRP A 94 31.92 5.68 12.78
N PRO A 95 31.70 5.14 11.57
CA PRO A 95 31.55 5.88 10.31
C PRO A 95 30.10 6.29 10.10
N THR A 96 29.87 7.32 9.30
CA THR A 96 28.52 7.74 8.99
C THR A 96 27.78 6.60 8.30
N THR A 97 26.54 6.35 8.69
CA THR A 97 25.78 5.23 8.13
C THR A 97 24.43 5.72 7.62
N PHE A 98 23.85 4.95 6.71
CA PHE A 98 22.57 5.31 6.13
C PHE A 98 21.53 4.26 6.45
N GLY A 99 20.28 4.67 6.55
CA GLY A 99 19.20 3.72 6.64
C GLY A 99 18.90 3.06 5.30
N ALA A 100 17.99 2.10 5.28
CA ALA A 100 17.72 1.33 4.07
C ALA A 100 16.68 1.99 3.15
N GLY A 101 16.04 3.04 3.65
CA GLY A 101 15.14 3.84 2.83
C GLY A 101 13.67 3.47 2.90
N THR A 102 12.82 4.46 2.64
CA THR A 102 11.39 4.24 2.54
C THR A 102 10.92 4.75 1.16
N LYS A 103 10.09 3.95 0.49
CA LYS A 103 9.53 4.32 -0.80
C LYS A 103 8.20 5.07 -0.67
N LEU A 104 8.08 6.21 -1.34
CA LEU A 104 6.83 6.97 -1.35
C LEU A 104 6.03 6.76 -2.66
N GLU A 105 4.92 6.06 -2.57
CA GLU A 105 4.03 5.87 -3.72
C GLU A 105 2.82 6.78 -3.61
N LEU A 106 2.31 7.23 -4.75
CA LEU A 106 1.14 8.07 -4.74
C LEU A 106 -0.07 7.37 -5.29
N LYS A 107 -1.20 7.55 -4.63
CA LYS A 107 -2.48 7.09 -5.17
C LYS A 107 -3.05 8.09 -6.17
N ARG A 108 -3.88 7.59 -7.07
CA ARG A 108 -4.68 8.46 -7.89
C ARG A 108 -5.90 7.68 -8.33
N THR A 109 -6.73 8.31 -9.15
CA THR A 109 -7.90 7.63 -9.69
C THR A 109 -7.46 6.56 -10.68
N VAL A 110 -8.30 5.54 -10.85
CA VAL A 110 -8.06 4.53 -11.88
C VAL A 110 -7.95 5.19 -13.25
N ALA A 111 -6.93 4.82 -14.02
CA ALA A 111 -6.80 5.28 -15.39
C ALA A 111 -6.52 4.07 -16.27
N ALA A 112 -7.37 3.85 -17.27
CA ALA A 112 -7.18 2.73 -18.18
C ALA A 112 -5.96 2.96 -19.09
N PRO A 113 -5.22 1.89 -19.40
CA PRO A 113 -4.10 2.03 -20.33
C PRO A 113 -4.57 2.25 -21.78
N SER A 114 -3.81 3.03 -22.54
CA SER A 114 -3.91 3.01 -23.99
C SER A 114 -2.96 1.93 -24.49
N VAL A 115 -3.45 1.07 -25.37
CA VAL A 115 -2.68 -0.10 -25.82
C VAL A 115 -2.27 0.03 -27.28
N PHE A 116 -0.97 -0.10 -27.54
CA PHE A 116 -0.45 -0.02 -28.89
C PHE A 116 0.39 -1.27 -29.14
N ILE A 117 0.38 -1.75 -30.37
CA ILE A 117 1.20 -2.90 -30.73
C ILE A 117 2.12 -2.58 -31.91
N PHE A 118 3.32 -3.11 -31.86
CA PHE A 118 4.34 -2.84 -32.87
C PHE A 118 4.88 -4.16 -33.39
N PRO A 119 4.72 -4.40 -34.69
CA PRO A 119 5.39 -5.53 -35.35
C PRO A 119 6.90 -5.39 -35.34
N PRO A 120 7.62 -6.49 -35.57
CA PRO A 120 9.08 -6.40 -35.70
C PRO A 120 9.46 -5.61 -36.95
N SER A 121 10.52 -4.83 -36.87
CA SER A 121 11.00 -4.08 -38.02
C SER A 121 11.61 -5.03 -39.05
N ASP A 122 11.61 -4.61 -40.32
CA ASP A 122 12.31 -5.36 -41.36
C ASP A 122 13.80 -5.39 -41.02
N GLU A 123 14.29 -4.30 -40.44
CA GLU A 123 15.68 -4.20 -40.01
CA GLU A 123 15.70 -4.22 -40.02
C GLU A 123 16.02 -5.36 -39.06
N GLN A 124 15.18 -5.52 -38.03
CA GLN A 124 15.43 -6.60 -37.06
C GLN A 124 15.37 -8.00 -37.69
N LEU A 125 14.39 -8.21 -38.57
CA LEU A 125 14.24 -9.52 -39.24
C LEU A 125 15.49 -9.99 -40.01
N LYS A 126 16.23 -9.05 -40.62
CA LYS A 126 17.51 -9.34 -41.27
C LYS A 126 18.49 -9.99 -40.30
N SER A 127 18.39 -9.62 -39.03
CA SER A 127 19.24 -10.20 -38.01
C SER A 127 18.77 -11.61 -37.60
N GLY A 128 17.59 -12.02 -38.05
CA GLY A 128 17.11 -13.37 -37.78
C GLY A 128 16.32 -13.54 -36.49
N THR A 129 15.92 -12.42 -35.90
CA THR A 129 15.16 -12.41 -34.66
C THR A 129 13.96 -11.49 -34.82
N ALA A 130 12.86 -11.81 -34.16
CA ALA A 130 11.65 -10.97 -34.21
C ALA A 130 11.15 -10.55 -32.82
N SER A 131 11.00 -9.25 -32.61
CA SER A 131 10.47 -8.73 -31.36
C SER A 131 9.12 -8.06 -31.64
N VAL A 132 8.08 -8.53 -30.97
CA VAL A 132 6.76 -7.92 -31.05
C VAL A 132 6.51 -7.22 -29.72
N VAL A 133 6.28 -5.91 -29.77
CA VAL A 133 6.17 -5.09 -28.58
C VAL A 133 4.72 -4.66 -28.38
N CYS A 134 4.20 -4.85 -27.18
CA CYS A 134 2.89 -4.38 -26.79
C CYS A 134 3.07 -3.34 -25.69
N LEU A 135 2.53 -2.15 -25.92
CA LEU A 135 2.72 -1.01 -25.02
C LEU A 135 1.42 -0.70 -24.31
N LEU A 136 1.49 -0.58 -22.98
CA LEU A 136 0.36 -0.13 -22.17
C LEU A 136 0.76 1.22 -21.61
N ASN A 137 0.06 2.27 -22.00
CA ASN A 137 0.50 3.62 -21.69
C ASN A 137 -0.37 4.34 -20.66
N ASN A 138 0.31 4.94 -19.68
CA ASN A 138 -0.31 5.81 -18.67
C ASN A 138 -1.56 5.25 -17.99
N PHE A 139 -1.36 4.25 -17.15
CA PHE A 139 -2.49 3.63 -16.48
C PHE A 139 -2.26 3.61 -14.97
N TYR A 140 -3.34 3.38 -14.22
CA TYR A 140 -3.25 3.22 -12.77
C TYR A 140 -4.45 2.40 -12.33
N PRO A 141 -4.25 1.46 -11.39
CA PRO A 141 -3.02 1.14 -10.69
C PRO A 141 -2.13 0.20 -11.50
N ARG A 142 -0.98 -0.17 -10.92
CA ARG A 142 0.11 -0.88 -11.60
C ARG A 142 -0.24 -2.28 -12.12
N GLU A 143 -1.12 -2.99 -11.42
CA GLU A 143 -1.47 -4.36 -11.84
C GLU A 143 -2.16 -4.43 -13.21
N ALA A 144 -1.65 -5.30 -14.07
CA ALA A 144 -2.19 -5.52 -15.41
C ALA A 144 -1.77 -6.91 -15.92
N LYS A 145 -2.58 -7.50 -16.78
CA LYS A 145 -2.23 -8.76 -17.43
C LYS A 145 -2.07 -8.53 -18.91
N VAL A 146 -1.03 -9.13 -19.48
CA VAL A 146 -0.84 -9.13 -20.91
C VAL A 146 -0.73 -10.57 -21.39
N GLN A 147 -1.62 -10.97 -22.27
CA GLN A 147 -1.63 -12.31 -22.83
C GLN A 147 -1.35 -12.29 -24.34
N TRP A 148 -0.27 -12.96 -24.74
CA TRP A 148 0.07 -13.05 -26.15
C TRP A 148 -0.58 -14.26 -26.83
N LYS A 149 -0.98 -14.08 -28.08
CA LYS A 149 -1.56 -15.16 -28.86
C LYS A 149 -1.04 -15.10 -30.29
N VAL A 150 -0.54 -16.22 -30.79
CA VAL A 150 -0.10 -16.31 -32.18
C VAL A 150 -0.97 -17.37 -32.89
N ASP A 151 -1.71 -16.93 -33.90
CA ASP A 151 -2.73 -17.76 -34.56
C ASP A 151 -3.52 -18.57 -33.54
N ASN A 152 -4.04 -17.90 -32.52
CA ASN A 152 -4.79 -18.55 -31.46
C ASN A 152 -4.02 -19.46 -30.50
N ALA A 153 -2.75 -19.75 -30.77
CA ALA A 153 -1.95 -20.45 -29.76
C ALA A 153 -1.56 -19.47 -28.65
N LEU A 154 -1.94 -19.78 -27.42
CA LEU A 154 -1.51 -18.98 -26.27
C LEU A 154 0.01 -19.06 -26.08
N GLN A 155 0.65 -17.90 -25.92
CA GLN A 155 2.09 -17.88 -25.72
C GLN A 155 2.40 -17.90 -24.24
N SER A 156 3.40 -18.68 -23.84
CA SER A 156 3.80 -18.68 -22.45
C SER A 156 5.32 -18.77 -22.22
N GLY A 157 5.86 -17.83 -21.47
CA GLY A 157 7.27 -17.87 -21.11
C GLY A 157 8.21 -17.27 -22.13
N ASN A 158 7.70 -16.84 -23.29
CA ASN A 158 8.53 -16.21 -24.31
C ASN A 158 8.28 -14.70 -24.46
N SER A 159 7.92 -14.05 -23.36
CA SER A 159 7.76 -12.60 -23.35
C SER A 159 8.36 -12.06 -22.07
N GLN A 160 8.80 -10.81 -22.10
CA GLN A 160 9.24 -10.16 -20.88
C GLN A 160 8.52 -8.82 -20.75
N GLU A 161 8.30 -8.41 -19.51
CA GLU A 161 7.63 -7.15 -19.22
C GLU A 161 8.57 -6.18 -18.55
N SER A 162 8.41 -4.89 -18.85
CA SER A 162 9.05 -3.85 -18.08
C SER A 162 8.00 -2.81 -17.72
N VAL A 163 8.08 -2.32 -16.49
CA VAL A 163 7.19 -1.28 -16.00
C VAL A 163 8.02 -0.05 -15.57
N THR A 164 7.63 1.12 -16.04
CA THR A 164 8.30 2.36 -15.63
C THR A 164 8.02 2.62 -14.15
N GLU A 165 8.85 3.47 -13.55
CA GLU A 165 8.58 4.00 -12.23
C GLU A 165 7.40 4.93 -12.34
N GLN A 166 6.80 5.29 -11.21
CA GLN A 166 5.59 6.09 -11.25
C GLN A 166 5.90 7.46 -11.83
N ASP A 167 4.97 7.98 -12.62
CA ASP A 167 5.19 9.27 -13.26
C ASP A 167 5.15 10.40 -12.23
N SER A 168 6.11 11.30 -12.31
CA SER A 168 6.19 12.39 -11.35
C SER A 168 5.11 13.44 -11.61
N LYS A 169 4.56 13.45 -12.82
CA LYS A 169 3.56 14.46 -13.16
C LYS A 169 2.13 13.97 -12.97
N ASP A 170 1.80 12.79 -13.48
CA ASP A 170 0.41 12.33 -13.44
C ASP A 170 0.22 11.04 -12.67
N SER A 171 1.28 10.59 -12.00
CA SER A 171 1.23 9.41 -11.13
C SER A 171 0.80 8.08 -11.81
N THR A 172 0.83 8.03 -13.14
CA THR A 172 0.53 6.79 -13.85
C THR A 172 1.77 5.90 -14.05
N TYR A 173 1.55 4.68 -14.51
CA TYR A 173 2.61 3.76 -14.88
C TYR A 173 2.51 3.45 -16.36
N SER A 174 3.61 3.02 -16.96
CA SER A 174 3.55 2.46 -18.30
C SER A 174 4.25 1.11 -18.35
N LEU A 175 3.76 0.23 -19.20
CA LEU A 175 4.27 -1.14 -19.26
C LEU A 175 4.55 -1.55 -20.70
N SER A 176 5.65 -2.26 -20.88
CA SER A 176 5.93 -2.85 -22.19
C SER A 176 5.98 -4.37 -22.04
N SER A 177 5.36 -5.06 -22.99
CA SER A 177 5.49 -6.51 -23.11
C SER A 177 6.09 -6.84 -24.49
N THR A 178 7.20 -7.57 -24.45
CA THR A 178 7.94 -7.89 -25.66
C THR A 178 7.95 -9.41 -25.91
N LEU A 179 7.27 -9.82 -26.97
CA LEU A 179 7.25 -11.20 -27.38
C LEU A 179 8.43 -11.45 -28.35
N THR A 180 9.25 -12.47 -28.07
CA THR A 180 10.45 -12.73 -28.87
C THR A 180 10.33 -14.07 -29.60
N LEU A 181 10.60 -14.06 -30.90
CA LEU A 181 10.58 -15.22 -31.77
C LEU A 181 11.80 -15.22 -32.67
N SER A 182 12.01 -16.33 -33.36
CA SER A 182 12.96 -16.34 -34.47
C SER A 182 12.30 -15.76 -35.71
N LYS A 183 13.13 -15.42 -36.70
CA LYS A 183 12.54 -14.96 -37.96
C LYS A 183 11.67 -16.06 -38.56
N ALA A 184 12.17 -17.29 -38.51
CA ALA A 184 11.51 -18.43 -39.13
C ALA A 184 10.11 -18.68 -38.57
N ASP A 185 9.99 -18.72 -37.24
CA ASP A 185 8.68 -18.86 -36.60
C ASP A 185 7.74 -17.71 -36.93
N TYR A 186 8.27 -16.50 -36.88
CA TYR A 186 7.48 -15.33 -37.17
C TYR A 186 6.88 -15.40 -38.57
N GLU A 187 7.67 -15.86 -39.55
CA GLU A 187 7.17 -15.98 -40.93
C GLU A 187 6.13 -17.10 -41.12
N LYS A 188 6.16 -18.10 -40.23
CA LYS A 188 5.19 -19.18 -40.27
C LYS A 188 3.78 -18.80 -39.78
N HIS A 189 3.60 -17.62 -39.23
CA HIS A 189 2.30 -17.29 -38.66
C HIS A 189 1.76 -15.94 -39.13
N LYS A 190 0.47 -15.73 -38.93
CA LYS A 190 -0.21 -14.55 -39.45
C LYS A 190 -0.64 -13.54 -38.38
N VAL A 191 -1.46 -13.98 -37.43
CA VAL A 191 -2.13 -13.09 -36.48
C VAL A 191 -1.39 -12.97 -35.16
N TYR A 192 -0.90 -11.76 -34.86
CA TYR A 192 -0.20 -11.52 -33.61
C TYR A 192 -1.04 -10.65 -32.69
N ALA A 193 -1.46 -11.21 -31.56
CA ALA A 193 -2.44 -10.55 -30.70
C ALA A 193 -1.91 -10.34 -29.31
N CYS A 194 -2.20 -9.17 -28.75
CA CYS A 194 -1.85 -8.79 -27.40
C CYS A 194 -3.13 -8.43 -26.67
N GLU A 195 -3.50 -9.23 -25.67
CA GLU A 195 -4.73 -8.99 -24.92
C GLU A 195 -4.40 -8.41 -23.55
N VAL A 196 -5.07 -7.32 -23.21
CA VAL A 196 -4.81 -6.55 -22.00
C VAL A 196 -6.00 -6.53 -21.07
N THR A 197 -5.73 -6.85 -19.80
CA THR A 197 -6.71 -6.79 -18.72
C THR A 197 -6.24 -5.79 -17.69
N HIS A 198 -7.15 -4.96 -17.22
CA HIS A 198 -6.84 -3.94 -16.24
C HIS A 198 -8.13 -3.46 -15.61
N GLN A 199 -8.05 -3.01 -14.36
CA GLN A 199 -9.22 -2.53 -13.62
C GLN A 199 -9.99 -1.37 -14.29
N GLY A 200 -9.30 -0.56 -15.06
CA GLY A 200 -9.92 0.55 -15.77
C GLY A 200 -10.69 0.18 -17.03
N LEU A 201 -10.59 -1.07 -17.46
CA LEU A 201 -11.31 -1.52 -18.65
C LEU A 201 -12.51 -2.38 -18.28
N SER A 202 -13.64 -2.18 -18.97
CA SER A 202 -14.82 -2.96 -18.66
C SER A 202 -14.77 -4.31 -19.34
N SER A 203 -13.80 -4.49 -20.24
CA SER A 203 -13.52 -5.79 -20.86
C SER A 203 -12.10 -5.78 -21.43
N PRO A 204 -11.50 -6.97 -21.61
CA PRO A 204 -10.13 -7.03 -22.14
C PRO A 204 -10.01 -6.36 -23.51
N VAL A 205 -8.94 -5.60 -23.67
CA VAL A 205 -8.65 -4.89 -24.92
C VAL A 205 -7.62 -5.69 -25.72
N THR A 206 -7.93 -5.97 -26.97
CA THR A 206 -7.00 -6.72 -27.81
C THR A 206 -6.49 -5.88 -28.95
N LYS A 207 -5.17 -5.74 -29.05
CA LYS A 207 -4.54 -5.12 -30.21
C LYS A 207 -3.81 -6.21 -30.97
N SER A 208 -3.98 -6.25 -32.29
CA SER A 208 -3.36 -7.29 -33.08
C SER A 208 -3.02 -6.80 -34.45
N PHE A 209 -2.27 -7.59 -35.19
CA PHE A 209 -1.98 -7.29 -36.57
C PHE A 209 -1.79 -8.58 -37.34
N ASN A 210 -1.88 -8.48 -38.66
CA ASN A 210 -1.53 -9.58 -39.54
C ASN A 210 -0.18 -9.30 -40.16
N ARG A 211 0.77 -10.21 -39.98
CA ARG A 211 2.05 -10.09 -40.68
C ARG A 211 1.76 -9.92 -42.17
N GLY A 212 2.40 -8.94 -42.80
CA GLY A 212 2.05 -8.55 -44.16
C GLY A 212 0.66 -7.97 -44.27
N GLN B 1 28.09 27.20 -10.93
CA GLN B 1 27.75 26.59 -9.63
C GLN B 1 28.71 25.46 -9.17
N VAL B 2 28.38 24.81 -8.06
CA VAL B 2 29.15 23.65 -7.60
C VAL B 2 28.74 22.40 -8.37
N GLN B 3 29.71 21.70 -8.93
CA GLN B 3 29.42 20.49 -9.70
C GLN B 3 30.46 19.41 -9.48
N LEU B 4 30.01 18.17 -9.52
CA LEU B 4 30.93 17.04 -9.51
C LEU B 4 30.54 16.16 -10.69
N LYS B 5 31.51 15.89 -11.57
CA LYS B 5 31.27 15.09 -12.77
C LYS B 5 32.20 13.89 -12.78
N GLN B 6 31.63 12.70 -12.78
CA GLN B 6 32.40 11.47 -12.69
C GLN B 6 32.60 10.87 -14.07
N SER B 7 33.58 9.99 -14.18
CA SER B 7 33.81 9.30 -15.44
C SER B 7 32.69 8.31 -15.75
N GLY B 8 32.67 7.87 -17.01
CA GLY B 8 31.62 7.00 -17.50
C GLY B 8 31.52 5.62 -16.89
N PRO B 9 30.34 5.01 -17.01
CA PRO B 9 30.14 3.66 -16.48
C PRO B 9 30.93 2.65 -17.27
N GLY B 10 31.18 1.49 -16.65
CA GLY B 10 31.94 0.48 -17.35
C GLY B 10 31.95 -0.84 -16.63
N LEU B 11 32.56 -1.82 -17.29
CA LEU B 11 32.68 -3.17 -16.81
C LEU B 11 34.05 -3.38 -16.19
N VAL B 12 34.09 -4.06 -15.04
CA VAL B 12 35.35 -4.40 -14.40
C VAL B 12 35.38 -5.92 -14.15
N GLN B 13 36.42 -6.58 -14.64
CA GLN B 13 36.57 -8.02 -14.46
C GLN B 13 36.72 -8.39 -12.98
N PRO B 14 36.15 -9.53 -12.56
CA PRO B 14 36.32 -9.96 -11.16
C PRO B 14 37.80 -10.08 -10.79
N SER B 15 38.11 -9.74 -9.55
CA SER B 15 39.49 -9.69 -9.02
C SER B 15 40.33 -8.53 -9.59
N GLN B 16 39.81 -7.83 -10.60
CA GLN B 16 40.49 -6.65 -11.13
C GLN B 16 40.17 -5.40 -10.33
N SER B 17 40.66 -4.25 -10.79
CA SER B 17 40.50 -3.00 -10.04
C SER B 17 39.62 -1.94 -10.71
N LEU B 18 38.94 -1.16 -9.86
CA LEU B 18 38.02 -0.12 -10.30
C LEU B 18 38.66 1.27 -10.22
N SER B 19 38.55 2.06 -11.28
CA SER B 19 39.06 3.44 -11.26
C SER B 19 38.02 4.43 -11.74
N ILE B 20 37.77 5.45 -10.91
CA ILE B 20 36.83 6.51 -11.26
C ILE B 20 37.48 7.84 -10.98
N THR B 21 37.24 8.82 -11.84
CA THR B 21 37.75 10.17 -11.68
C THR B 21 36.59 11.13 -11.43
N CYS B 22 36.68 11.91 -10.36
CA CYS B 22 35.69 12.93 -10.02
C CYS B 22 36.32 14.29 -10.31
N THR B 23 35.83 14.96 -11.35
CA THR B 23 36.31 16.29 -11.72
C THR B 23 35.33 17.32 -11.17
N VAL B 24 35.83 18.22 -10.32
CA VAL B 24 34.98 19.21 -9.69
C VAL B 24 35.13 20.59 -10.30
N SER B 25 34.09 21.41 -10.09
CA SER B 25 34.15 22.82 -10.42
C SER B 25 33.24 23.61 -9.46
N GLY B 26 33.41 24.93 -9.46
CA GLY B 26 32.65 25.80 -8.59
C GLY B 26 33.17 25.83 -7.15
N PHE B 27 34.32 25.22 -6.93
CA PHE B 27 35.01 25.26 -5.62
C PHE B 27 36.40 24.63 -5.78
N SER B 28 37.22 24.72 -4.75
CA SER B 28 38.58 24.22 -4.82
C SER B 28 38.82 23.02 -3.90
N LEU B 29 39.54 22.03 -4.39
CA LEU B 29 39.85 20.85 -3.60
C LEU B 29 40.72 21.20 -2.40
N THR B 30 41.36 22.37 -2.44
CA THR B 30 42.25 22.79 -1.36
C THR B 30 41.43 23.28 -0.17
N ASN B 31 40.15 23.54 -0.42
CA ASN B 31 39.23 24.03 0.62
C ASN B 31 38.21 23.01 1.12
N TYR B 32 37.91 22.01 0.30
CA TYR B 32 36.89 21.02 0.65
C TYR B 32 37.38 19.58 0.57
N GLY B 33 36.89 18.74 1.46
CA GLY B 33 37.10 17.30 1.33
C GLY B 33 36.13 16.71 0.31
N VAL B 34 36.55 15.65 -0.37
CA VAL B 34 35.64 14.98 -1.30
C VAL B 34 35.39 13.56 -0.84
N HIS B 35 34.11 13.21 -0.72
CA HIS B 35 33.73 11.93 -0.14
C HIS B 35 33.30 10.96 -1.22
N TRP B 36 33.42 9.67 -0.89
CA TRP B 36 33.00 8.60 -1.79
C TRP B 36 31.97 7.70 -1.12
N VAL B 37 30.84 7.56 -1.79
CA VAL B 37 29.70 6.78 -1.32
C VAL B 37 29.28 5.84 -2.46
N ARG B 38 28.86 4.63 -2.13
CA ARG B 38 28.32 3.76 -3.16
C ARG B 38 26.94 3.26 -2.76
N GLN B 39 26.21 2.71 -3.74
CA GLN B 39 24.86 2.24 -3.49
C GLN B 39 24.63 0.91 -4.18
N SER B 40 24.49 -0.14 -3.40
CA SER B 40 24.39 -1.50 -3.94
C SER B 40 23.03 -2.13 -3.63
N PRO B 41 22.68 -3.22 -4.34
CA PRO B 41 21.44 -3.92 -3.99
C PRO B 41 21.55 -4.57 -2.62
N GLY B 42 22.72 -5.12 -2.34
CA GLY B 42 22.95 -5.76 -1.06
C GLY B 42 22.99 -4.86 0.15
N LYS B 43 23.67 -3.72 0.05
CA LYS B 43 23.89 -2.90 1.23
C LYS B 43 23.34 -1.48 1.17
N GLY B 44 22.65 -1.12 0.08
CA GLY B 44 22.15 0.23 -0.05
C GLY B 44 23.27 1.26 0.01
N LEU B 45 23.00 2.43 0.59
CA LEU B 45 24.01 3.49 0.68
C LEU B 45 25.09 3.19 1.71
N GLU B 46 26.33 3.42 1.33
CA GLU B 46 27.46 2.94 2.11
C GLU B 46 28.58 3.93 1.91
N TRP B 47 29.04 4.53 2.99
CA TRP B 47 30.10 5.52 2.90
C TRP B 47 31.43 4.77 2.85
N LEU B 48 32.26 5.11 1.86
CA LEU B 48 33.53 4.41 1.63
C LEU B 48 34.77 5.13 2.20
N GLY B 49 34.86 6.44 1.99
CA GLY B 49 36.02 7.20 2.43
C GLY B 49 36.04 8.64 1.95
N VAL B 50 37.13 9.35 2.26
CA VAL B 50 37.24 10.76 1.97
C VAL B 50 38.69 11.21 1.82
N ILE B 51 38.96 12.12 0.91
CA ILE B 51 40.23 12.81 0.90
C ILE B 51 40.01 14.26 1.29
N TRP B 52 40.71 14.67 2.35
CA TRP B 52 40.52 15.99 2.92
C TRP B 52 41.29 17.04 2.14
N SER B 53 41.00 18.30 2.45
CA SER B 53 41.66 19.45 1.84
C SER B 53 43.18 19.26 1.74
N GLY B 54 43.80 18.87 2.84
CA GLY B 54 45.24 18.76 2.91
C GLY B 54 45.83 17.44 2.42
N GLY B 55 44.99 16.58 1.85
CA GLY B 55 45.47 15.33 1.30
C GLY B 55 45.38 14.10 2.18
N ASN B 56 44.97 14.27 3.45
CA ASN B 56 44.71 13.13 4.32
C ASN B 56 43.50 12.31 3.83
N THR B 57 43.51 11.02 4.12
CA THR B 57 42.39 10.15 3.78
C THR B 57 41.89 9.31 4.95
N ASP B 58 40.59 9.07 4.99
CA ASP B 58 40.00 8.08 5.88
C ASP B 58 39.30 7.05 5.00
N TYR B 59 39.40 5.78 5.37
CA TYR B 59 38.68 4.74 4.66
C TYR B 59 37.78 4.00 5.62
N ASN B 60 36.52 3.78 5.22
CA ASN B 60 35.61 2.97 6.04
C ASN B 60 36.26 1.61 6.30
N THR B 61 36.13 1.15 7.55
CA THR B 61 36.79 -0.06 8.05
C THR B 61 36.91 -1.27 7.08
N PRO B 62 35.80 -1.65 6.42
CA PRO B 62 35.90 -2.77 5.46
C PRO B 62 36.73 -2.51 4.21
N PHE B 63 37.27 -1.31 4.03
CA PHE B 63 37.91 -1.00 2.76
C PHE B 63 39.32 -0.46 2.93
N THR B 64 39.83 -0.47 4.16
CA THR B 64 41.14 0.13 4.41
C THR B 64 42.26 -0.46 3.54
N SER B 65 42.15 -1.74 3.18
CA SER B 65 43.22 -2.40 2.44
C SER B 65 43.03 -2.38 0.92
N ARG B 66 41.81 -2.20 0.45
CA ARG B 66 41.61 -2.24 -0.99
C ARG B 66 41.18 -0.90 -1.59
N LEU B 67 41.26 0.16 -0.82
CA LEU B 67 40.80 1.46 -1.30
C LEU B 67 41.90 2.50 -1.23
N SER B 68 42.17 3.17 -2.35
CA SER B 68 42.99 4.37 -2.30
C SER B 68 42.35 5.56 -3.00
N ILE B 69 42.36 6.70 -2.33
CA ILE B 69 41.85 7.94 -2.89
C ILE B 69 43.02 8.90 -3.03
N ASN B 70 43.22 9.44 -4.22
CA ASN B 70 44.25 10.44 -4.47
C ASN B 70 43.63 11.61 -5.20
N LYS B 71 44.38 12.69 -5.32
CA LYS B 71 43.87 13.84 -6.06
C LYS B 71 44.96 14.72 -6.67
N ASP B 72 44.55 15.55 -7.63
CA ASP B 72 45.38 16.57 -8.24
C ASP B 72 44.63 17.91 -8.09
N ASN B 73 45.05 18.71 -7.12
CA ASN B 73 44.40 19.98 -6.81
C ASN B 73 44.29 20.95 -7.98
N SER B 74 45.38 21.11 -8.72
CA SER B 74 45.42 22.06 -9.83
C SER B 74 44.48 21.63 -10.95
N LYS B 75 44.31 20.32 -11.12
CA LYS B 75 43.43 19.81 -12.15
C LYS B 75 42.00 19.62 -11.62
N SER B 76 41.81 19.87 -10.33
CA SER B 76 40.51 19.71 -9.70
C SER B 76 39.98 18.27 -9.86
N GLN B 77 40.89 17.30 -9.83
CA GLN B 77 40.48 15.92 -9.98
C GLN B 77 40.70 15.10 -8.72
N VAL B 78 39.72 14.25 -8.40
CA VAL B 78 39.87 13.26 -7.32
C VAL B 78 39.82 11.86 -7.93
N PHE B 79 40.78 11.00 -7.56
CA PHE B 79 40.82 9.64 -8.11
C PHE B 79 40.54 8.56 -7.09
N PHE B 80 39.56 7.73 -7.41
CA PHE B 80 39.13 6.63 -6.57
C PHE B 80 39.66 5.34 -7.19
N LYS B 81 40.29 4.49 -6.40
CA LYS B 81 40.75 3.21 -6.90
C LYS B 81 40.48 2.13 -5.87
N MET B 82 39.73 1.12 -6.27
CA MET B 82 39.45 -0.03 -5.42
C MET B 82 39.96 -1.33 -6.06
N ASN B 83 40.51 -2.23 -5.23
CA ASN B 83 41.14 -3.46 -5.69
C ASN B 83 40.30 -4.70 -5.47
N SER B 84 40.60 -5.73 -6.25
CA SER B 84 40.05 -7.06 -6.04
C SER B 84 38.52 -7.09 -5.96
N LEU B 85 37.88 -6.60 -7.01
CA LEU B 85 36.43 -6.50 -6.99
C LEU B 85 35.77 -7.86 -7.15
N GLN B 86 34.78 -8.12 -6.32
CA GLN B 86 33.94 -9.29 -6.49
C GLN B 86 32.63 -8.81 -7.08
N SER B 87 31.71 -9.73 -7.37
CA SER B 87 30.53 -9.36 -8.14
C SER B 87 29.58 -8.49 -7.31
N ASN B 88 29.53 -8.73 -6.01
CA ASN B 88 28.72 -7.91 -5.11
C ASN B 88 29.30 -6.51 -4.88
N ASP B 89 30.35 -6.15 -5.61
CA ASP B 89 30.87 -4.78 -5.62
C ASP B 89 30.21 -4.00 -6.76
N THR B 90 29.33 -4.67 -7.49
CA THR B 90 28.51 -4.03 -8.52
C THR B 90 27.58 -3.02 -7.82
N ALA B 91 27.73 -1.75 -8.19
CA ALA B 91 27.04 -0.68 -7.48
C ALA B 91 27.21 0.61 -8.23
N ILE B 92 26.42 1.60 -7.85
CA ILE B 92 26.65 2.95 -8.30
C ILE B 92 27.62 3.59 -7.33
N TYR B 93 28.67 4.20 -7.85
CA TYR B 93 29.67 4.89 -7.04
C TYR B 93 29.53 6.38 -7.23
N TYR B 94 29.42 7.11 -6.12
CA TYR B 94 29.26 8.55 -6.13
C TYR B 94 30.47 9.22 -5.47
N CYS B 95 30.82 10.40 -5.98
CA CYS B 95 31.63 11.35 -5.24
C CYS B 95 30.73 12.47 -4.73
N ALA B 96 31.02 12.97 -3.53
CA ALA B 96 30.16 13.96 -2.91
C ALA B 96 30.95 15.01 -2.14
N ARG B 97 30.29 16.12 -1.84
CA ARG B 97 30.90 17.18 -1.05
C ARG B 97 29.91 17.67 -0.01
N ALA B 98 30.39 17.88 1.21
CA ALA B 98 29.55 18.41 2.27
C ALA B 98 29.32 19.92 2.15
N LEU B 99 28.43 20.45 3.00
CA LEU B 99 28.17 21.89 3.05
C LEU B 99 29.36 22.65 3.61
N THR B 100 30.00 22.11 4.65
CA THR B 100 31.16 22.72 5.29
C THR B 100 32.35 21.78 5.18
N TYR B 101 33.55 22.36 5.27
CA TYR B 101 34.76 21.66 4.85
C TYR B 101 35.06 20.42 5.69
N TYR B 102 34.50 20.32 6.90
CA TYR B 102 34.87 19.25 7.84
C TYR B 102 33.71 18.27 8.08
N ASP B 103 32.55 18.59 7.50
CA ASP B 103 31.31 17.89 7.85
C ASP B 103 30.93 16.76 6.85
N TYR B 104 29.72 16.24 6.99
CA TYR B 104 29.32 15.04 6.28
C TYR B 104 27.89 15.14 5.73
N GLU B 105 27.31 16.33 5.71
CA GLU B 105 25.98 16.47 5.16
C GLU B 105 26.12 16.71 3.66
N PHE B 106 25.87 15.68 2.87
CA PHE B 106 26.22 15.70 1.46
C PHE B 106 25.23 16.48 0.59
N ALA B 107 25.51 17.76 0.40
CA ALA B 107 24.63 18.63 -0.35
C ALA B 107 24.93 18.61 -1.85
N TYR B 108 26.14 18.19 -2.22
CA TYR B 108 26.51 18.10 -3.64
C TYR B 108 27.01 16.71 -4.02
N TRP B 109 26.31 16.09 -4.96
CA TRP B 109 26.65 14.75 -5.43
C TRP B 109 27.08 14.72 -6.90
N GLY B 110 27.99 13.82 -7.24
CA GLY B 110 28.22 13.48 -8.64
C GLY B 110 27.00 12.73 -9.20
N GLN B 111 27.01 12.47 -10.50
CA GLN B 111 25.87 11.82 -11.17
C GLN B 111 25.89 10.30 -10.96
N GLY B 112 26.97 9.81 -10.37
CA GLY B 112 27.11 8.40 -10.10
C GLY B 112 27.71 7.65 -11.27
N THR B 113 28.43 6.58 -10.98
CA THR B 113 29.02 5.73 -11.99
C THR B 113 28.57 4.31 -11.71
N LEU B 114 27.79 3.75 -12.62
CA LEU B 114 27.37 2.36 -12.50
C LEU B 114 28.51 1.44 -12.90
N VAL B 115 29.01 0.69 -11.94
CA VAL B 115 30.11 -0.22 -12.23
C VAL B 115 29.58 -1.62 -12.14
N THR B 116 29.77 -2.37 -13.22
CA THR B 116 29.37 -3.76 -13.26
C THR B 116 30.61 -4.65 -13.12
N VAL B 117 30.58 -5.55 -12.14
CA VAL B 117 31.66 -6.51 -12.01
C VAL B 117 31.19 -7.84 -12.59
N SER B 118 31.76 -8.23 -13.73
CA SER B 118 31.33 -9.43 -14.42
C SER B 118 32.45 -9.92 -15.32
N ALA B 119 32.48 -11.22 -15.59
CA ALA B 119 33.51 -11.79 -16.44
C ALA B 119 33.23 -11.61 -17.93
N ALA B 120 32.03 -11.18 -18.29
CA ALA B 120 31.61 -11.15 -19.68
C ALA B 120 32.30 -10.01 -20.44
N SER B 121 31.91 -9.87 -21.70
CA SER B 121 32.47 -8.87 -22.60
C SER B 121 31.47 -7.73 -22.82
N THR B 122 32.01 -6.55 -23.07
CA THR B 122 31.19 -5.43 -23.46
C THR B 122 30.64 -5.70 -24.86
N LYS B 123 29.37 -5.35 -25.05
CA LYS B 123 28.70 -5.50 -26.33
C LYS B 123 27.73 -4.35 -26.52
N GLY B 124 27.86 -3.65 -27.65
CA GLY B 124 26.98 -2.54 -27.99
C GLY B 124 25.64 -3.03 -28.45
N PRO B 125 24.60 -2.20 -28.32
CA PRO B 125 23.25 -2.57 -28.72
C PRO B 125 23.02 -2.38 -30.22
N SER B 126 22.05 -3.12 -30.76
CA SER B 126 21.46 -2.80 -32.06
C SER B 126 20.21 -1.96 -31.74
N VAL B 127 19.92 -0.98 -32.60
CA VAL B 127 18.75 -0.13 -32.42
C VAL B 127 17.73 -0.34 -33.55
N PHE B 128 16.53 -0.80 -33.21
CA PHE B 128 15.46 -1.02 -34.16
C PHE B 128 14.26 -0.12 -33.92
N PRO B 129 13.60 0.33 -34.99
CA PRO B 129 12.50 1.28 -34.82
C PRO B 129 11.20 0.60 -34.42
N LEU B 130 10.43 1.31 -33.61
CA LEU B 130 9.07 0.91 -33.29
C LEU B 130 8.18 1.87 -34.03
N ALA B 131 7.90 1.53 -35.28
CA ALA B 131 7.27 2.42 -36.22
C ALA B 131 5.85 2.74 -35.81
N PRO B 132 5.47 4.03 -35.89
CA PRO B 132 4.07 4.41 -35.70
C PRO B 132 3.22 3.87 -36.84
N SER B 133 1.98 3.55 -36.52
CA SER B 133 1.05 3.08 -37.54
C SER B 133 -0.35 3.33 -37.06
N SER B 134 -1.32 2.75 -37.78
CA SER B 134 -2.70 2.75 -37.33
C SER B 134 -2.88 1.90 -36.07
N LYS B 135 -2.07 0.85 -35.93
CA LYS B 135 -2.12 -0.03 -34.74
C LYS B 135 -1.52 0.64 -33.50
N SER B 136 -0.93 1.83 -33.70
CA SER B 136 -0.37 2.61 -32.59
C SER B 136 -0.88 4.06 -32.57
N THR B 137 -2.09 4.28 -33.07
CA THR B 137 -2.71 5.61 -33.12
C THR B 137 -4.13 5.56 -32.54
N SER B 138 -4.43 6.44 -31.59
CA SER B 138 -5.82 6.64 -31.15
C SER B 138 -6.14 8.09 -30.84
N GLY B 139 -7.26 8.58 -31.38
CA GLY B 139 -7.69 9.94 -31.16
C GLY B 139 -6.63 10.98 -31.48
N GLY B 140 -6.01 10.85 -32.65
CA GLY B 140 -5.02 11.79 -33.12
C GLY B 140 -3.66 11.77 -32.42
N THR B 141 -3.39 10.73 -31.65
CA THR B 141 -2.09 10.56 -31.01
C THR B 141 -1.41 9.27 -31.47
N ALA B 142 -0.20 9.38 -31.98
CA ALA B 142 0.56 8.20 -32.39
C ALA B 142 1.62 7.80 -31.36
N ALA B 143 1.85 6.51 -31.19
CA ALA B 143 2.96 6.08 -30.36
C ALA B 143 4.08 5.57 -31.26
N LEU B 144 5.32 5.79 -30.85
CA LEU B 144 6.45 5.33 -31.64
C LEU B 144 7.62 5.16 -30.71
N GLY B 145 8.63 4.43 -31.17
CA GLY B 145 9.73 4.14 -30.28
C GLY B 145 10.91 3.47 -30.91
N CYS B 146 11.85 3.14 -30.02
CA CYS B 146 13.10 2.47 -30.37
C CYS B 146 13.32 1.26 -29.51
N LEU B 147 13.69 0.16 -30.15
CA LEU B 147 14.03 -1.05 -29.42
C LEU B 147 15.56 -1.14 -29.33
N VAL B 148 16.09 -1.07 -28.11
CA VAL B 148 17.53 -1.06 -27.86
C VAL B 148 17.89 -2.43 -27.30
N LYS B 149 18.41 -3.30 -28.15
CA LYS B 149 18.48 -4.73 -27.86
C LYS B 149 19.92 -5.24 -27.80
N ASP B 150 20.15 -6.16 -26.86
CA ASP B 150 21.35 -6.99 -26.81
C ASP B 150 22.62 -6.18 -26.54
N TYR B 151 22.66 -5.52 -25.38
CA TYR B 151 23.87 -4.81 -24.98
C TYR B 151 24.30 -5.25 -23.58
N PHE B 152 25.57 -5.03 -23.25
CA PHE B 152 26.07 -5.30 -21.91
C PHE B 152 27.34 -4.47 -21.70
N PRO B 153 27.51 -3.92 -20.48
CA PRO B 153 26.59 -3.94 -19.35
C PRO B 153 25.66 -2.73 -19.41
N GLU B 154 24.79 -2.59 -18.41
CA GLU B 154 24.05 -1.36 -18.17
C GLU B 154 25.09 -0.28 -17.93
N PRO B 155 24.72 1.00 -18.13
CA PRO B 155 23.45 1.53 -18.59
C PRO B 155 23.54 1.97 -20.04
N VAL B 156 22.40 2.32 -20.61
CA VAL B 156 22.40 2.94 -21.91
C VAL B 156 21.58 4.22 -21.73
N THR B 157 21.97 5.29 -22.40
CA THR B 157 21.17 6.50 -22.31
C THR B 157 20.39 6.67 -23.59
N VAL B 158 19.13 7.07 -23.46
CA VAL B 158 18.29 7.29 -24.62
C VAL B 158 17.62 8.65 -24.53
N SER B 159 17.71 9.41 -25.60
CA SER B 159 16.94 10.63 -25.69
C SER B 159 16.28 10.73 -27.06
N TRP B 160 15.48 11.77 -27.23
CA TRP B 160 14.75 11.98 -28.48
C TRP B 160 15.02 13.33 -29.11
N ASN B 161 15.23 13.32 -30.43
CA ASN B 161 15.51 14.53 -31.21
C ASN B 161 16.53 15.42 -30.53
N SER B 162 17.59 14.77 -30.07
CA SER B 162 18.77 15.41 -29.48
C SER B 162 18.47 16.19 -28.22
N GLY B 163 17.42 15.81 -27.52
CA GLY B 163 17.12 16.48 -26.26
C GLY B 163 15.91 17.37 -26.31
N ALA B 164 15.50 17.80 -27.50
CA ALA B 164 14.37 18.70 -27.65
C ALA B 164 13.00 18.05 -27.41
N LEU B 165 12.93 16.73 -27.49
CA LEU B 165 11.66 16.04 -27.24
C LEU B 165 11.71 15.24 -25.93
N THR B 166 10.95 15.65 -24.93
CA THR B 166 11.01 15.04 -23.61
C THR B 166 9.62 14.68 -23.08
N SER B 167 8.60 15.36 -23.59
CA SER B 167 7.23 15.13 -23.15
C SER B 167 6.60 13.87 -23.75
N GLY B 168 6.01 13.03 -22.90
CA GLY B 168 5.38 11.81 -23.34
C GLY B 168 6.36 10.70 -23.62
N VAL B 169 7.60 10.91 -23.20
CA VAL B 169 8.65 9.92 -23.37
C VAL B 169 8.68 8.92 -22.21
N HIS B 170 8.64 7.64 -22.52
CA HIS B 170 8.88 6.60 -21.51
C HIS B 170 10.00 5.69 -21.99
N THR B 171 11.07 5.66 -21.22
CA THR B 171 12.16 4.74 -21.46
C THR B 171 12.10 3.68 -20.38
N PHE B 172 11.77 2.46 -20.79
CA PHE B 172 11.57 1.38 -19.84
C PHE B 172 12.88 0.92 -19.20
N PRO B 173 12.83 0.51 -17.92
CA PRO B 173 13.95 -0.16 -17.28
C PRO B 173 14.40 -1.34 -18.13
N ALA B 174 15.71 -1.54 -18.26
CA ALA B 174 16.23 -2.69 -18.99
C ALA B 174 15.87 -4.01 -18.32
N VAL B 175 15.69 -5.04 -19.13
CA VAL B 175 15.55 -6.39 -18.61
C VAL B 175 16.65 -7.29 -19.16
N LEU B 176 17.10 -8.20 -18.32
CA LEU B 176 18.16 -9.13 -18.66
C LEU B 176 17.53 -10.30 -19.40
N GLN B 177 18.07 -10.66 -20.56
CA GLN B 177 17.53 -11.78 -21.35
C GLN B 177 18.30 -13.05 -21.03
N SER B 178 17.82 -14.20 -21.49
CA SER B 178 18.47 -15.48 -21.16
C SER B 178 19.92 -15.49 -21.65
N SER B 179 20.17 -14.71 -22.69
CA SER B 179 21.51 -14.59 -23.24
C SER B 179 22.48 -13.85 -22.32
N GLY B 180 21.97 -13.25 -21.25
CA GLY B 180 22.79 -12.44 -20.38
C GLY B 180 23.09 -11.05 -20.94
N LEU B 181 22.35 -10.69 -21.99
CA LEU B 181 22.44 -9.35 -22.55
C LEU B 181 21.17 -8.59 -22.18
N TYR B 182 21.27 -7.27 -22.08
CA TYR B 182 20.09 -6.47 -21.73
C TYR B 182 19.31 -5.99 -22.93
N SER B 183 18.11 -5.50 -22.67
CA SER B 183 17.26 -4.99 -23.71
C SER B 183 16.25 -4.00 -23.13
N LEU B 184 15.94 -2.96 -23.89
CA LEU B 184 14.88 -2.04 -23.50
C LEU B 184 14.22 -1.35 -24.70
N SER B 185 13.05 -0.81 -24.45
CA SER B 185 12.43 0.10 -25.38
C SER B 185 12.26 1.48 -24.76
N SER B 186 12.27 2.47 -25.65
CA SER B 186 11.92 3.82 -25.30
C SER B 186 10.82 4.25 -26.24
N VAL B 187 9.75 4.78 -25.68
CA VAL B 187 8.61 5.15 -26.51
C VAL B 187 8.27 6.63 -26.31
N VAL B 188 7.51 7.17 -27.24
CA VAL B 188 7.04 8.52 -27.10
C VAL B 188 5.74 8.62 -27.87
N THR B 189 4.81 9.42 -27.35
CA THR B 189 3.56 9.66 -28.05
C THR B 189 3.60 11.09 -28.61
N VAL B 190 3.16 11.24 -29.85
CA VAL B 190 3.18 12.54 -30.48
C VAL B 190 1.85 12.75 -31.19
N PRO B 191 1.57 13.99 -31.62
CA PRO B 191 0.36 14.15 -32.42
C PRO B 191 0.57 13.48 -33.79
N SER B 192 -0.37 12.63 -34.21
CA SER B 192 -0.20 11.88 -35.44
C SER B 192 -0.02 12.75 -36.68
N SER B 193 -0.56 13.97 -36.65
CA SER B 193 -0.46 14.88 -37.81
C SER B 193 0.94 15.50 -37.95
N SER B 194 1.80 15.26 -36.99
CA SER B 194 3.15 15.77 -37.07
C SER B 194 4.11 14.77 -37.75
N LEU B 195 3.63 13.54 -37.99
CA LEU B 195 4.48 12.49 -38.55
C LEU B 195 4.94 12.81 -39.96
N GLY B 196 4.15 13.59 -40.67
CA GLY B 196 4.51 13.95 -42.04
C GLY B 196 5.44 15.15 -42.11
N THR B 197 5.64 15.81 -40.98
CA THR B 197 6.29 17.11 -40.92
C THR B 197 7.53 17.14 -40.05
N GLN B 198 7.49 16.39 -38.94
CA GLN B 198 8.58 16.36 -37.97
C GLN B 198 9.38 15.07 -38.08
N THR B 199 10.69 15.16 -37.90
CA THR B 199 11.49 13.94 -37.83
C THR B 199 11.56 13.44 -36.38
N TYR B 200 11.56 12.12 -36.21
CA TYR B 200 11.70 11.57 -34.85
C TYR B 200 12.91 10.67 -34.77
N ILE B 201 13.82 11.01 -33.88
CA ILE B 201 15.07 10.29 -33.77
C ILE B 201 15.38 9.94 -32.33
N CYS B 202 15.55 8.65 -32.05
CA CYS B 202 16.07 8.28 -30.74
C CYS B 202 17.59 8.28 -30.77
N ASN B 203 18.19 9.00 -29.84
CA ASN B 203 19.64 9.04 -29.71
C ASN B 203 20.07 8.04 -28.64
N VAL B 204 20.77 7.01 -29.07
CA VAL B 204 21.18 5.95 -28.16
C VAL B 204 22.66 6.05 -27.86
N ASN B 205 23.03 6.15 -26.58
CA ASN B 205 24.42 6.16 -26.20
C ASN B 205 24.72 5.07 -25.19
N HIS B 206 25.48 4.08 -25.61
CA HIS B 206 25.94 3.03 -24.71
C HIS B 206 27.41 3.28 -24.39
N LYS B 207 27.66 4.07 -23.36
CA LYS B 207 29.03 4.47 -22.99
C LYS B 207 30.05 3.33 -22.80
N PRO B 208 29.68 2.24 -22.09
CA PRO B 208 30.66 1.15 -21.91
C PRO B 208 31.28 0.60 -23.19
N SER B 209 30.55 0.64 -24.31
CA SER B 209 31.05 0.11 -25.56
C SER B 209 31.38 1.22 -26.56
N ASN B 210 31.33 2.46 -26.09
CA ASN B 210 31.45 3.65 -26.94
C ASN B 210 30.63 3.53 -28.23
N THR B 211 29.36 3.19 -28.09
CA THR B 211 28.46 3.05 -29.23
C THR B 211 27.40 4.13 -29.15
N LYS B 212 27.39 5.00 -30.16
CA LYS B 212 26.34 5.99 -30.30
C LYS B 212 25.64 5.77 -31.63
N VAL B 213 24.31 5.67 -31.59
CA VAL B 213 23.51 5.48 -32.79
C VAL B 213 22.34 6.45 -32.72
N ASP B 214 22.06 7.11 -33.83
CA ASP B 214 20.82 7.86 -33.98
C ASP B 214 19.90 7.11 -34.92
N LYS B 215 18.73 6.73 -34.42
CA LYS B 215 17.80 5.96 -35.21
C LYS B 215 16.61 6.81 -35.54
N ARG B 216 16.42 7.05 -36.83
CA ARG B 216 15.26 7.77 -37.31
C ARG B 216 14.08 6.81 -37.32
N VAL B 217 12.93 7.24 -36.80
CA VAL B 217 11.77 6.36 -36.72
C VAL B 217 10.60 6.90 -37.52
N GLU B 218 10.21 6.14 -38.53
CA GLU B 218 9.25 6.60 -39.53
C GLU B 218 8.06 5.68 -39.57
N PRO B 219 6.89 6.21 -39.95
CA PRO B 219 5.76 5.33 -40.27
C PRO B 219 6.14 4.42 -41.44
N LYS B 220 5.61 3.21 -41.49
CA LYS B 220 6.02 2.29 -42.55
C LYS B 220 5.04 2.27 -43.74
N ASP C 1 -7.13 20.89 23.98
CA ASP C 1 -6.80 19.47 23.99
C ASP C 1 -5.45 19.16 23.34
N ILE C 2 -4.80 18.13 23.86
CA ILE C 2 -3.60 17.58 23.24
C ILE C 2 -4.01 16.85 21.97
N LEU C 3 -3.42 17.24 20.85
CA LEU C 3 -3.63 16.51 19.61
C LEU C 3 -2.63 15.36 19.52
N LEU C 4 -3.12 14.20 19.10
CA LEU C 4 -2.26 13.03 18.94
C LEU C 4 -2.23 12.61 17.48
N THR C 5 -1.05 12.66 16.88
CA THR C 5 -0.87 12.27 15.48
C THR C 5 -0.15 10.93 15.36
N GLN C 6 -0.86 9.95 14.80
CA GLN C 6 -0.27 8.63 14.59
C GLN C 6 0.16 8.45 13.14
N SER C 7 1.35 7.90 12.94
CA SER C 7 1.81 7.60 11.60
C SER C 7 2.42 6.21 11.58
N PRO C 8 2.33 5.52 10.43
CA PRO C 8 1.57 5.93 9.26
C PRO C 8 0.08 5.61 9.45
N VAL C 9 -0.78 6.12 8.56
CA VAL C 9 -2.20 5.80 8.59
C VAL C 9 -2.41 4.31 8.32
N ILE C 10 -1.76 3.81 7.28
CA ILE C 10 -1.79 2.41 7.00
C ILE C 10 -0.39 1.84 7.12
N LEU C 11 -0.26 0.77 7.87
CA LEU C 11 1.03 0.15 8.05
C LEU C 11 0.97 -1.28 7.51
N SER C 12 1.64 -1.50 6.39
CA SER C 12 1.68 -2.80 5.76
C SER C 12 3.02 -3.49 5.97
N VAL C 13 2.99 -4.68 6.56
CA VAL C 13 4.21 -5.42 6.88
C VAL C 13 4.06 -6.91 6.62
N SER C 14 5.19 -7.61 6.56
CA SER C 14 5.21 -9.04 6.34
C SER C 14 5.35 -9.77 7.67
N PRO C 15 4.80 -11.00 7.75
CA PRO C 15 4.86 -11.76 9.00
C PRO C 15 6.29 -12.01 9.46
N GLY C 16 6.53 -11.95 10.76
CA GLY C 16 7.87 -12.13 11.29
C GLY C 16 8.69 -10.85 11.39
N GLU C 17 8.28 -9.81 10.66
CA GLU C 17 8.98 -8.52 10.74
C GLU C 17 8.82 -7.79 12.08
N ARG C 18 9.72 -6.86 12.32
CA ARG C 18 9.62 -5.97 13.48
C ARG C 18 8.76 -4.77 13.04
N VAL C 19 7.84 -4.38 13.90
CA VAL C 19 6.83 -3.39 13.52
C VAL C 19 6.79 -2.20 14.50
N SER C 20 6.79 -0.99 13.96
CA SER C 20 6.77 0.23 14.78
C SER C 20 5.70 1.24 14.41
N PHE C 21 4.90 1.62 15.40
CA PHE C 21 3.85 2.62 15.22
C PHE C 21 4.28 3.91 15.90
N SER C 22 4.17 5.03 15.19
CA SER C 22 4.48 6.33 15.79
C SER C 22 3.25 7.02 16.33
N CYS C 23 3.39 7.60 17.52
CA CYS C 23 2.39 8.49 18.06
C CYS C 23 3.11 9.77 18.51
N ARG C 24 2.79 10.88 17.86
CA ARG C 24 3.39 12.18 18.16
C ARG C 24 2.39 13.09 18.89
N ALA C 25 2.78 13.56 20.07
CA ALA C 25 1.95 14.49 20.84
C ALA C 25 2.15 15.94 20.41
N SER C 26 1.08 16.74 20.49
CA SER C 26 1.14 18.14 20.07
C SER C 26 1.95 19.00 21.04
N GLN C 27 2.28 18.41 22.19
CA GLN C 27 3.18 19.02 23.17
C GLN C 27 3.60 17.96 24.16
N SER C 28 4.57 18.27 25.02
CA SER C 28 5.12 17.26 25.92
C SER C 28 4.09 16.70 26.88
N ILE C 29 4.15 15.39 27.09
CA ILE C 29 3.22 14.71 27.97
C ILE C 29 3.92 13.67 28.84
N GLY C 30 5.22 13.89 29.08
CA GLY C 30 6.01 12.96 29.86
C GLY C 30 5.94 11.54 29.32
N THR C 31 5.51 10.60 30.14
CA THR C 31 5.29 9.24 29.68
C THR C 31 3.81 8.83 29.78
N ASN C 32 2.94 9.82 29.81
CA ASN C 32 1.52 9.54 30.00
C ASN C 32 0.77 9.16 28.71
N ILE C 33 1.15 8.00 28.16
CA ILE C 33 0.59 7.48 26.92
C ILE C 33 0.14 6.04 27.13
N HIS C 34 -1.07 5.69 26.68
CA HIS C 34 -1.52 4.31 26.72
C HIS C 34 -1.81 3.79 25.30
N TRP C 35 -1.57 2.50 25.07
CA TRP C 35 -1.80 1.94 23.75
C TRP C 35 -2.90 0.89 23.75
N TYR C 36 -3.66 0.83 22.67
CA TYR C 36 -4.79 -0.07 22.56
C TYR C 36 -4.83 -0.78 21.24
N GLN C 37 -5.32 -2.00 21.25
CA GLN C 37 -5.59 -2.75 20.03
C GLN C 37 -7.10 -2.89 19.84
N GLN C 38 -7.58 -2.66 18.62
CA GLN C 38 -8.97 -2.96 18.31
C GLN C 38 -9.07 -3.87 17.09
N ARG C 39 -9.49 -5.10 17.34
CA ARG C 39 -9.74 -6.07 16.29
C ARG C 39 -11.16 -5.90 15.73
N THR C 40 -11.41 -6.52 14.59
CA THR C 40 -12.73 -6.48 13.95
C THR C 40 -13.88 -6.84 14.90
N ASN C 41 -14.88 -5.97 14.95
CA ASN C 41 -16.03 -6.13 15.85
C ASN C 41 -15.67 -6.24 17.34
N GLY C 42 -14.50 -5.76 17.72
CA GLY C 42 -14.08 -5.80 19.11
C GLY C 42 -14.12 -4.45 19.80
N SER C 43 -13.87 -4.46 21.11
CA SER C 43 -13.72 -3.24 21.88
C SER C 43 -12.22 -3.00 21.97
N PRO C 44 -11.79 -1.76 22.24
CA PRO C 44 -10.34 -1.57 22.42
C PRO C 44 -9.77 -2.48 23.52
N ARG C 45 -8.56 -2.99 23.30
CA ARG C 45 -7.91 -3.89 24.24
C ARG C 45 -6.60 -3.25 24.67
N LEU C 46 -6.45 -3.00 25.96
CA LEU C 46 -5.25 -2.33 26.49
C LEU C 46 -3.97 -3.18 26.35
N LEU C 47 -2.95 -2.59 25.73
CA LEU C 47 -1.70 -3.30 25.44
C LEU C 47 -0.53 -2.87 26.32
N ILE C 48 -0.38 -1.56 26.49
CA ILE C 48 0.77 -0.93 27.12
C ILE C 48 0.25 0.30 27.84
N LYS C 49 0.73 0.55 29.06
CA LYS C 49 0.35 1.74 29.80
C LYS C 49 1.59 2.55 30.18
N TYR C 50 1.44 3.87 30.25
CA TYR C 50 2.52 4.75 30.65
C TYR C 50 3.78 4.57 29.78
N ALA C 51 3.57 4.57 28.46
CA ALA C 51 4.63 4.44 27.46
C ALA C 51 5.28 3.05 27.33
N SER C 52 5.62 2.39 28.44
CA SER C 52 6.45 1.19 28.36
C SER C 52 6.04 0.02 29.27
N GLU C 53 5.06 0.23 30.14
CA GLU C 53 4.71 -0.75 31.19
C GLU C 53 3.74 -1.81 30.70
N SER C 54 4.02 -3.07 31.01
CA SER C 54 3.24 -4.17 30.46
C SER C 54 1.94 -4.48 31.22
N ILE C 55 1.03 -5.16 30.54
CA ILE C 55 -0.29 -5.44 31.07
C ILE C 55 -0.48 -6.94 31.17
N SER C 56 -1.14 -7.39 32.22
CA SER C 56 -1.35 -8.82 32.43
C SER C 56 -2.15 -9.42 31.26
N GLY C 57 -1.57 -10.43 30.62
CA GLY C 57 -2.28 -11.18 29.58
C GLY C 57 -1.89 -10.83 28.17
N ILE C 58 -1.11 -9.76 28.00
CA ILE C 58 -0.68 -9.33 26.67
C ILE C 58 0.62 -10.03 26.30
N PRO C 59 0.67 -10.62 25.09
CA PRO C 59 1.87 -11.28 24.56
C PRO C 59 3.13 -10.42 24.69
N SER C 60 4.25 -11.08 24.96
CA SER C 60 5.51 -10.39 25.24
C SER C 60 6.08 -9.68 24.01
N ARG C 61 5.54 -10.00 22.83
CA ARG C 61 6.03 -9.37 21.59
C ARG C 61 5.62 -7.89 21.53
N PHE C 62 4.60 -7.53 22.31
CA PHE C 62 4.17 -6.13 22.42
C PHE C 62 5.03 -5.38 23.46
N SER C 63 5.61 -4.26 23.04
CA SER C 63 6.28 -3.33 23.94
C SER C 63 6.12 -1.90 23.43
N GLY C 64 6.42 -0.93 24.30
CA GLY C 64 6.42 0.47 23.91
C GLY C 64 7.57 1.29 24.51
N SER C 65 7.81 2.45 23.94
CA SER C 65 8.88 3.32 24.42
C SER C 65 8.59 4.75 24.05
N GLY C 66 9.40 5.65 24.61
CA GLY C 66 9.32 7.06 24.31
C GLY C 66 9.00 7.92 25.52
N SER C 67 9.28 9.21 25.40
CA SER C 67 8.84 10.21 26.38
C SER C 67 8.91 11.58 25.74
N GLY C 68 8.19 12.55 26.30
CA GLY C 68 8.13 13.87 25.73
C GLY C 68 6.98 13.97 24.74
N THR C 69 7.29 13.93 23.45
CA THR C 69 6.26 14.04 22.41
C THR C 69 6.27 12.87 21.41
N ASP C 70 7.33 12.07 21.42
CA ASP C 70 7.49 10.97 20.46
C ASP C 70 7.41 9.59 21.11
N PHE C 71 6.43 8.78 20.67
CA PHE C 71 6.15 7.50 21.30
C PHE C 71 6.03 6.39 20.26
N THR C 72 6.39 5.18 20.68
CA THR C 72 6.45 4.05 19.78
C THR C 72 5.81 2.79 20.38
N LEU C 73 4.89 2.19 19.64
CA LEU C 73 4.40 0.85 19.96
C LEU C 73 5.12 -0.14 19.05
N SER C 74 5.67 -1.20 19.64
CA SER C 74 6.52 -2.14 18.89
C SER C 74 6.02 -3.57 18.97
N ILE C 75 5.98 -4.22 17.82
CA ILE C 75 5.76 -5.66 17.76
C ILE C 75 7.01 -6.28 17.16
N ASN C 76 7.74 -7.06 17.95
CA ASN C 76 9.06 -7.51 17.50
C ASN C 76 9.02 -8.51 16.35
N SER C 77 8.02 -9.38 16.38
CA SER C 77 7.80 -10.33 15.29
C SER C 77 6.30 -10.45 15.03
N VAL C 78 5.80 -9.70 14.06
CA VAL C 78 4.36 -9.57 13.85
C VAL C 78 3.68 -10.86 13.37
N GLU C 79 2.56 -11.19 13.99
CA GLU C 79 1.79 -12.36 13.61
C GLU C 79 0.51 -11.97 12.90
N SER C 80 -0.02 -12.91 12.11
CA SER C 80 -1.27 -12.69 11.38
C SER C 80 -2.43 -12.23 12.26
N GLU C 81 -2.52 -12.74 13.49
CA GLU C 81 -3.58 -12.34 14.41
C GLU C 81 -3.36 -10.99 15.07
N ASP C 82 -2.35 -10.25 14.60
CA ASP C 82 -2.13 -8.89 15.10
C ASP C 82 -2.81 -7.90 14.18
N ILE C 83 -3.41 -8.41 13.09
CA ILE C 83 -4.24 -7.60 12.22
C ILE C 83 -5.32 -6.95 13.06
N ALA C 84 -5.31 -5.62 13.10
CA ALA C 84 -6.21 -4.84 13.94
C ALA C 84 -5.82 -3.38 13.77
N ASP C 85 -6.57 -2.48 14.41
CA ASP C 85 -6.16 -1.08 14.47
C ASP C 85 -5.53 -0.80 15.83
N TYR C 86 -4.67 0.21 15.87
CA TYR C 86 -3.93 0.51 17.08
C TYR C 86 -4.06 1.98 17.43
N TYR C 87 -4.36 2.26 18.69
CA TYR C 87 -4.61 3.61 19.12
C TYR C 87 -3.72 4.00 20.29
N CYS C 88 -3.28 5.26 20.29
CA CYS C 88 -2.60 5.78 21.45
C CYS C 88 -3.54 6.72 22.19
N GLN C 89 -3.32 6.86 23.49
CA GLN C 89 -4.14 7.68 24.37
C GLN C 89 -3.20 8.47 25.28
N GLN C 90 -3.42 9.78 25.37
CA GLN C 90 -2.68 10.62 26.30
C GLN C 90 -3.54 10.97 27.51
N ASN C 91 -2.94 10.98 28.69
CA ASN C 91 -3.62 11.51 29.87
C ASN C 91 -2.75 12.42 30.74
N ASN C 92 -1.89 13.21 30.13
CA ASN C 92 -1.15 14.20 30.91
C ASN C 92 -1.98 15.47 31.09
N ASN C 93 -2.93 15.69 30.19
CA ASN C 93 -3.75 16.88 30.23
CA ASN C 93 -3.74 16.90 30.19
C ASN C 93 -5.22 16.57 30.02
N TRP C 94 -6.06 17.13 30.87
CA TRP C 94 -7.50 16.89 30.78
C TRP C 94 -8.06 17.65 29.57
N PRO C 95 -8.98 17.01 28.82
CA PRO C 95 -9.45 15.63 29.01
C PRO C 95 -8.51 14.65 28.32
N THR C 96 -8.62 13.37 28.65
CA THR C 96 -7.88 12.35 27.92
C THR C 96 -8.34 12.34 26.45
N THR C 97 -7.37 12.27 25.54
CA THR C 97 -7.66 12.18 24.12
C THR C 97 -6.94 11.00 23.48
N PHE C 98 -7.45 10.61 22.31
CA PHE C 98 -6.93 9.45 21.59
C PHE C 98 -6.42 9.86 20.21
N GLY C 99 -5.42 9.15 19.70
CA GLY C 99 -5.02 9.31 18.31
C GLY C 99 -6.07 8.79 17.32
N ALA C 100 -5.88 9.08 16.04
CA ALA C 100 -6.86 8.69 15.02
C ALA C 100 -6.68 7.24 14.59
N GLY C 101 -5.51 6.68 14.88
CA GLY C 101 -5.29 5.27 14.66
C GLY C 101 -4.41 4.93 13.47
N THR C 102 -3.74 3.79 13.58
CA THR C 102 -2.96 3.25 12.48
C THR C 102 -3.53 1.88 12.18
N LYS C 103 -3.83 1.61 10.91
CA LYS C 103 -4.28 0.28 10.48
C LYS C 103 -3.09 -0.61 10.15
N LEU C 104 -3.05 -1.79 10.77
CA LEU C 104 -1.98 -2.76 10.51
C LEU C 104 -2.45 -3.85 9.56
N GLU C 105 -1.87 -3.87 8.36
CA GLU C 105 -2.22 -4.88 7.38
C GLU C 105 -1.07 -5.87 7.20
N LEU C 106 -1.40 -7.11 6.91
CA LEU C 106 -0.37 -8.11 6.65
C LEU C 106 -0.22 -8.52 5.19
N LYS C 107 1.02 -8.73 4.77
CA LYS C 107 1.32 -9.18 3.41
C LYS C 107 1.39 -10.69 3.41
N ARG C 108 1.11 -11.30 2.26
CA ARG C 108 1.21 -12.75 2.10
C ARG C 108 1.30 -13.04 0.62
N THR C 109 1.42 -14.32 0.28
CA THR C 109 1.51 -14.70 -1.12
C THR C 109 0.16 -14.53 -1.77
N VAL C 110 0.19 -14.28 -3.07
CA VAL C 110 -1.01 -14.27 -3.90
C VAL C 110 -1.78 -15.58 -3.75
N ALA C 111 -3.09 -15.47 -3.54
CA ALA C 111 -3.98 -16.62 -3.46
C ALA C 111 -5.25 -16.35 -4.24
N ALA C 112 -5.55 -17.21 -5.20
CA ALA C 112 -6.72 -17.05 -6.04
C ALA C 112 -8.01 -17.29 -5.25
N PRO C 113 -9.07 -16.55 -5.59
CA PRO C 113 -10.39 -16.80 -5.00
C PRO C 113 -11.01 -18.10 -5.49
N SER C 114 -11.71 -18.81 -4.60
CA SER C 114 -12.64 -19.84 -5.01
C SER C 114 -13.97 -19.13 -5.21
N VAL C 115 -14.64 -19.41 -6.33
CA VAL C 115 -15.85 -18.69 -6.70
C VAL C 115 -17.12 -19.54 -6.62
N PHE C 116 -18.18 -19.02 -6.03
CA PHE C 116 -19.45 -19.73 -5.96
C PHE C 116 -20.59 -18.76 -6.34
N ILE C 117 -21.58 -19.28 -7.04
CA ILE C 117 -22.76 -18.49 -7.40
C ILE C 117 -24.02 -19.06 -6.73
N PHE C 118 -24.88 -18.17 -6.24
CA PHE C 118 -26.11 -18.56 -5.55
C PHE C 118 -27.34 -17.92 -6.18
N PRO C 119 -28.23 -18.76 -6.71
CA PRO C 119 -29.45 -18.26 -7.32
C PRO C 119 -30.38 -17.78 -6.23
N PRO C 120 -31.35 -16.94 -6.59
CA PRO C 120 -32.32 -16.48 -5.60
C PRO C 120 -33.21 -17.64 -5.15
N SER C 121 -33.74 -17.58 -3.92
CA SER C 121 -34.64 -18.62 -3.43
C SER C 121 -36.05 -18.36 -3.96
N ASP C 122 -36.86 -19.41 -4.05
CA ASP C 122 -38.26 -19.24 -4.44
C ASP C 122 -38.93 -18.34 -3.41
N GLU C 123 -38.57 -18.52 -2.14
CA GLU C 123 -39.15 -17.72 -1.06
C GLU C 123 -38.97 -16.20 -1.23
N GLN C 124 -37.78 -15.79 -1.67
CA GLN C 124 -37.55 -14.37 -1.89
C GLN C 124 -38.39 -13.87 -3.05
N LEU C 125 -38.47 -14.68 -4.10
CA LEU C 125 -39.19 -14.29 -5.32
C LEU C 125 -40.64 -13.85 -5.04
N LYS C 126 -41.29 -14.51 -4.09
CA LYS C 126 -42.63 -14.13 -3.64
C LYS C 126 -42.74 -12.63 -3.33
N SER C 127 -41.64 -12.02 -2.91
CA SER C 127 -41.65 -10.63 -2.51
C SER C 127 -41.46 -9.66 -3.68
N GLY C 128 -41.25 -10.19 -4.89
CA GLY C 128 -41.10 -9.35 -6.07
C GLY C 128 -39.68 -8.91 -6.39
N THR C 129 -38.70 -9.46 -5.67
CA THR C 129 -37.29 -9.12 -5.82
C THR C 129 -36.42 -10.38 -5.90
N ALA C 130 -35.42 -10.37 -6.77
CA ALA C 130 -34.45 -11.46 -6.87
C ALA C 130 -33.04 -11.00 -6.53
N SER C 131 -32.42 -11.64 -5.55
CA SER C 131 -31.01 -11.40 -5.24
C SER C 131 -30.16 -12.55 -5.75
N VAL C 132 -29.14 -12.23 -6.53
CA VAL C 132 -28.20 -13.22 -7.04
C VAL C 132 -26.83 -12.92 -6.44
N VAL C 133 -26.22 -13.91 -5.80
CA VAL C 133 -25.06 -13.67 -4.95
C VAL C 133 -23.88 -14.45 -5.50
N CYS C 134 -22.74 -13.76 -5.61
CA CYS C 134 -21.48 -14.37 -6.01
C CYS C 134 -20.47 -14.22 -4.89
N LEU C 135 -19.81 -15.31 -4.54
CA LEU C 135 -18.88 -15.35 -3.42
C LEU C 135 -17.47 -15.58 -3.95
N LEU C 136 -16.54 -14.70 -3.58
CA LEU C 136 -15.12 -14.91 -3.82
C LEU C 136 -14.49 -15.24 -2.48
N ASN C 137 -13.98 -16.46 -2.34
CA ASN C 137 -13.56 -16.95 -1.03
C ASN C 137 -12.05 -17.03 -0.91
N ASN C 138 -11.52 -16.44 0.17
CA ASN C 138 -10.16 -16.65 0.67
C ASN C 138 -9.10 -16.35 -0.39
N PHE C 139 -8.96 -15.07 -0.71
CA PHE C 139 -8.02 -14.64 -1.75
C PHE C 139 -7.15 -13.50 -1.25
N TYR C 140 -6.06 -13.26 -1.99
CA TYR C 140 -5.14 -12.16 -1.72
C TYR C 140 -4.41 -11.83 -3.02
N PRO C 141 -4.21 -10.55 -3.31
CA PRO C 141 -4.56 -9.38 -2.51
C PRO C 141 -6.05 -9.02 -2.59
N ARG C 142 -6.41 -7.95 -1.90
CA ARG C 142 -7.79 -7.53 -1.74
C ARG C 142 -8.50 -7.18 -3.07
N GLU C 143 -7.78 -6.57 -4.00
CA GLU C 143 -8.43 -6.12 -5.25
C GLU C 143 -8.84 -7.26 -6.19
N ALA C 144 -10.08 -7.17 -6.65
CA ALA C 144 -10.68 -8.19 -7.50
C ALA C 144 -11.85 -7.54 -8.20
N LYS C 145 -12.16 -8.04 -9.39
CA LYS C 145 -13.23 -7.49 -10.21
C LYS C 145 -14.32 -8.54 -10.45
N VAL C 146 -15.56 -8.19 -10.12
CA VAL C 146 -16.68 -9.07 -10.35
C VAL C 146 -17.64 -8.43 -11.34
N GLN C 147 -17.85 -9.10 -12.46
CA GLN C 147 -18.83 -8.63 -13.45
C GLN C 147 -20.01 -9.59 -13.55
N TRP C 148 -21.21 -9.03 -13.58
CA TRP C 148 -22.41 -9.82 -13.79
C TRP C 148 -22.85 -9.76 -15.24
N LYS C 149 -23.17 -10.91 -15.80
CA LYS C 149 -23.76 -10.97 -17.12
C LYS C 149 -25.06 -11.77 -17.09
N VAL C 150 -26.12 -11.17 -17.62
CA VAL C 150 -27.43 -11.77 -17.68
C VAL C 150 -27.76 -11.95 -19.16
N ASP C 151 -27.88 -13.19 -19.59
CA ASP C 151 -27.94 -13.53 -21.02
C ASP C 151 -26.92 -12.72 -21.80
N ASN C 152 -25.70 -12.68 -21.27
CA ASN C 152 -24.56 -12.02 -21.89
C ASN C 152 -24.59 -10.48 -21.94
N ALA C 153 -25.52 -9.85 -21.23
CA ALA C 153 -25.51 -8.40 -21.11
C ALA C 153 -24.79 -8.03 -19.82
N LEU C 154 -23.84 -7.11 -19.93
CA LEU C 154 -23.10 -6.66 -18.76
C LEU C 154 -24.02 -5.79 -17.90
N GLN C 155 -24.15 -6.14 -16.63
CA GLN C 155 -24.99 -5.38 -15.70
C GLN C 155 -24.21 -4.21 -15.15
N SER C 156 -24.88 -3.10 -14.94
CA SER C 156 -24.20 -1.95 -14.37
C SER C 156 -25.18 -1.17 -13.52
N GLY C 157 -24.79 -0.89 -12.28
CA GLY C 157 -25.60 -0.11 -11.39
C GLY C 157 -26.52 -0.88 -10.48
N ASN C 158 -26.66 -2.18 -10.71
CA ASN C 158 -27.54 -3.02 -9.89
C ASN C 158 -26.82 -4.10 -9.05
N SER C 159 -25.54 -3.88 -8.76
CA SER C 159 -24.83 -4.78 -7.85
C SER C 159 -24.11 -4.03 -6.71
N GLN C 160 -23.97 -4.69 -5.57
CA GLN C 160 -23.22 -4.14 -4.43
C GLN C 160 -22.22 -5.17 -3.91
N GLU C 161 -21.01 -4.73 -3.62
CA GLU C 161 -19.97 -5.62 -3.11
C GLU C 161 -19.70 -5.36 -1.65
N SER C 162 -19.28 -6.41 -0.95
CA SER C 162 -18.87 -6.28 0.44
C SER C 162 -17.65 -7.15 0.62
N VAL C 163 -16.62 -6.62 1.28
CA VAL C 163 -15.39 -7.36 1.50
C VAL C 163 -15.18 -7.49 2.98
N THR C 164 -14.73 -8.66 3.43
CA THR C 164 -14.41 -8.84 4.85
C THR C 164 -13.08 -8.20 5.19
N GLU C 165 -12.83 -8.02 6.48
CA GLU C 165 -11.50 -7.66 6.98
C GLU C 165 -10.54 -8.84 6.81
N GLN C 166 -9.26 -8.58 6.89
CA GLN C 166 -8.27 -9.62 6.66
C GLN C 166 -8.34 -10.72 7.71
N ASP C 167 -8.55 -11.95 7.25
CA ASP C 167 -8.63 -13.10 8.13
C ASP C 167 -7.38 -13.19 9.02
N SER C 168 -7.58 -13.37 10.32
CA SER C 168 -6.49 -13.29 11.28
C SER C 168 -5.67 -14.57 11.32
N LYS C 169 -6.18 -15.63 10.69
CA LYS C 169 -5.44 -16.89 10.63
C LYS C 169 -4.59 -16.99 9.37
N ASP C 170 -5.16 -16.71 8.21
CA ASP C 170 -4.43 -16.89 6.94
C ASP C 170 -4.24 -15.61 6.11
N SER C 171 -4.68 -14.48 6.64
CA SER C 171 -4.48 -13.18 5.99
C SER C 171 -5.16 -12.99 4.62
N THR C 172 -6.21 -13.76 4.31
CA THR C 172 -6.96 -13.53 3.08
C THR C 172 -8.16 -12.60 3.27
N TYR C 173 -8.75 -12.20 2.16
CA TYR C 173 -10.04 -11.53 2.21
C TYR C 173 -11.09 -12.44 1.60
N SER C 174 -12.34 -12.11 1.86
CA SER C 174 -13.44 -12.69 1.12
C SER C 174 -14.34 -11.58 0.62
N LEU C 175 -15.09 -11.85 -0.45
CA LEU C 175 -15.96 -10.85 -1.03
C LEU C 175 -17.31 -11.46 -1.46
N SER C 176 -18.38 -10.72 -1.23
CA SER C 176 -19.67 -11.06 -1.83
C SER C 176 -20.12 -9.95 -2.75
N SER C 177 -20.57 -10.32 -3.94
CA SER C 177 -21.23 -9.39 -4.85
C SER C 177 -22.69 -9.79 -4.93
N THR C 178 -23.58 -8.83 -4.73
CA THR C 178 -25.02 -9.09 -4.78
C THR C 178 -25.69 -8.31 -5.91
N LEU C 179 -26.27 -9.06 -6.85
CA LEU C 179 -27.03 -8.52 -7.96
C LEU C 179 -28.52 -8.48 -7.61
N THR C 180 -29.11 -7.29 -7.65
CA THR C 180 -30.52 -7.12 -7.33
C THR C 180 -31.34 -6.83 -8.58
N LEU C 181 -32.37 -7.65 -8.81
CA LEU C 181 -33.22 -7.54 -9.99
C LEU C 181 -34.67 -7.60 -9.58
N SER C 182 -35.55 -6.96 -10.34
CA SER C 182 -36.98 -7.16 -10.16
C SER C 182 -37.30 -8.63 -10.46
N LYS C 183 -38.33 -9.18 -9.83
CA LYS C 183 -38.74 -10.56 -10.17
C LYS C 183 -39.02 -10.72 -11.65
N ALA C 184 -39.61 -9.67 -12.23
CA ALA C 184 -39.98 -9.67 -13.64
C ALA C 184 -38.76 -9.78 -14.55
N ASP C 185 -37.77 -8.90 -14.32
CA ASP C 185 -36.50 -8.94 -15.05
C ASP C 185 -35.88 -10.32 -14.93
N TYR C 186 -35.86 -10.84 -13.71
CA TYR C 186 -35.27 -12.15 -13.44
C TYR C 186 -35.94 -13.28 -14.23
N GLU C 187 -37.28 -13.25 -14.34
CA GLU C 187 -37.98 -14.28 -15.10
C GLU C 187 -37.89 -14.09 -16.63
N LYS C 188 -37.47 -12.90 -17.07
CA LYS C 188 -37.28 -12.64 -18.50
C LYS C 188 -36.02 -13.28 -19.06
N HIS C 189 -35.11 -13.70 -18.20
CA HIS C 189 -33.79 -14.09 -18.68
C HIS C 189 -33.38 -15.51 -18.24
N LYS C 190 -32.34 -16.06 -18.85
CA LYS C 190 -32.02 -17.47 -18.56
C LYS C 190 -30.66 -17.72 -17.91
N VAL C 191 -29.60 -17.19 -18.52
CA VAL C 191 -28.24 -17.49 -18.09
C VAL C 191 -27.72 -16.44 -17.12
N TYR C 192 -27.37 -16.85 -15.91
CA TYR C 192 -26.86 -15.93 -14.90
C TYR C 192 -25.40 -16.20 -14.57
N ALA C 193 -24.56 -15.19 -14.76
CA ALA C 193 -23.13 -15.43 -14.77
C ALA C 193 -22.39 -14.42 -13.90
N CYS C 194 -21.43 -14.93 -13.14
CA CYS C 194 -20.52 -14.13 -12.35
C CYS C 194 -19.10 -14.37 -12.87
N GLU C 195 -18.51 -13.35 -13.46
CA GLU C 195 -17.17 -13.46 -14.02
C GLU C 195 -16.19 -12.72 -13.14
N VAL C 196 -15.11 -13.40 -12.75
CA VAL C 196 -14.17 -12.89 -11.77
C VAL C 196 -12.77 -12.82 -12.34
N THR C 197 -12.17 -11.64 -12.25
CA THR C 197 -10.75 -11.48 -12.57
C THR C 197 -9.96 -11.06 -11.33
N HIS C 198 -8.74 -11.55 -11.21
CA HIS C 198 -7.95 -11.33 -10.01
C HIS C 198 -6.50 -11.72 -10.31
N GLN C 199 -5.56 -10.98 -9.75
CA GLN C 199 -4.14 -11.23 -10.01
C GLN C 199 -3.69 -12.71 -9.98
N GLY C 200 -4.26 -13.49 -9.06
CA GLY C 200 -3.88 -14.86 -8.94
C GLY C 200 -4.57 -15.81 -9.90
N LEU C 201 -5.34 -15.27 -10.82
CA LEU C 201 -5.97 -16.10 -11.85
C LEU C 201 -5.33 -15.79 -13.20
N SER C 202 -4.93 -16.83 -13.93
CA SER C 202 -4.29 -16.64 -15.25
C SER C 202 -5.28 -16.10 -16.28
N SER C 203 -6.49 -16.65 -16.23
CA SER C 203 -7.59 -16.17 -17.06
C SER C 203 -8.87 -16.14 -16.18
N PRO C 204 -9.86 -15.32 -16.54
CA PRO C 204 -11.00 -15.08 -15.63
C PRO C 204 -11.83 -16.31 -15.33
N VAL C 205 -12.47 -16.32 -14.18
CA VAL C 205 -13.29 -17.44 -13.78
C VAL C 205 -14.79 -17.10 -13.85
N THR C 206 -15.55 -17.96 -14.53
CA THR C 206 -16.99 -17.78 -14.63
C THR C 206 -17.76 -18.89 -13.89
N LYS C 207 -18.76 -18.49 -13.14
CA LYS C 207 -19.66 -19.42 -12.50
C LYS C 207 -21.08 -19.04 -12.91
N SER C 208 -21.87 -20.01 -13.32
CA SER C 208 -23.20 -19.68 -13.81
C SER C 208 -24.26 -20.69 -13.47
N PHE C 209 -25.50 -20.31 -13.70
CA PHE C 209 -26.60 -21.22 -13.60
C PHE C 209 -27.68 -20.73 -14.55
N ASN C 210 -28.51 -21.66 -15.01
CA ASN C 210 -29.67 -21.33 -15.78
C ASN C 210 -30.89 -21.36 -14.88
N ARG C 211 -31.64 -20.27 -14.83
CA ARG C 211 -32.92 -20.22 -14.14
C ARG C 211 -33.79 -21.35 -14.73
N GLY C 212 -34.29 -22.24 -13.87
CA GLY C 212 -35.08 -23.38 -14.31
C GLY C 212 -34.32 -24.70 -14.40
N GLN D 1 -13.91 -12.42 37.81
CA GLN D 1 -13.89 -11.85 36.46
C GLN D 1 -14.54 -10.46 36.42
N VAL D 2 -13.74 -9.43 36.12
CA VAL D 2 -14.27 -8.08 35.85
C VAL D 2 -14.95 -7.98 34.48
N GLN D 3 -16.19 -7.50 34.47
CA GLN D 3 -16.97 -7.40 33.24
C GLN D 3 -17.90 -6.20 33.25
N LEU D 4 -18.09 -5.60 32.07
CA LEU D 4 -19.10 -4.58 31.88
C LEU D 4 -20.00 -4.98 30.71
N LYS D 5 -21.29 -5.07 30.98
CA LYS D 5 -22.29 -5.49 29.98
C LYS D 5 -23.34 -4.39 29.75
N GLN D 6 -23.43 -3.90 28.52
CA GLN D 6 -24.31 -2.78 28.21
C GLN D 6 -25.64 -3.20 27.58
N SER D 7 -26.63 -2.31 27.62
CA SER D 7 -27.90 -2.55 26.93
C SER D 7 -27.70 -2.61 25.42
N GLY D 8 -28.63 -3.28 24.74
CA GLY D 8 -28.50 -3.55 23.31
C GLY D 8 -28.55 -2.33 22.41
N PRO D 9 -28.32 -2.54 21.12
CA PRO D 9 -28.36 -1.47 20.12
C PRO D 9 -29.79 -1.04 19.83
N GLY D 10 -29.93 0.12 19.22
CA GLY D 10 -31.24 0.63 18.88
C GLY D 10 -31.16 1.94 18.15
N LEU D 11 -32.35 2.44 17.80
CA LEU D 11 -32.51 3.64 17.01
C LEU D 11 -33.05 4.77 17.89
N VAL D 12 -32.45 5.94 17.79
CA VAL D 12 -32.98 7.13 18.44
C VAL D 12 -33.36 8.19 17.40
N GLN D 13 -34.56 8.77 17.53
CA GLN D 13 -35.00 9.83 16.62
C GLN D 13 -34.18 11.10 16.86
N PRO D 14 -33.85 11.83 15.78
CA PRO D 14 -33.06 13.06 15.93
C PRO D 14 -33.67 14.00 16.95
N SER D 15 -32.82 14.59 17.78
CA SER D 15 -33.21 15.52 18.84
C SER D 15 -33.90 14.84 20.04
N GLN D 16 -34.11 13.54 19.98
CA GLN D 16 -34.52 12.82 21.20
C GLN D 16 -33.31 12.38 22.02
N SER D 17 -33.54 11.67 23.12
CA SER D 17 -32.45 11.34 24.03
C SER D 17 -31.98 9.89 23.91
N LEU D 18 -30.78 9.63 24.41
CA LEU D 18 -30.17 8.31 24.34
C LEU D 18 -29.94 7.77 25.75
N SER D 19 -30.34 6.52 25.99
CA SER D 19 -30.16 5.93 27.30
C SER D 19 -29.53 4.56 27.23
N ILE D 20 -28.38 4.40 27.89
CA ILE D 20 -27.68 3.13 27.95
C ILE D 20 -27.43 2.74 29.41
N THR D 21 -27.61 1.46 29.73
CA THR D 21 -27.31 0.92 31.05
C THR D 21 -26.05 0.08 30.97
N CYS D 22 -25.11 0.31 31.89
CA CYS D 22 -23.89 -0.48 32.02
C CYS D 22 -23.96 -1.25 33.33
N THR D 23 -24.14 -2.55 33.24
CA THR D 23 -24.20 -3.44 34.40
C THR D 23 -22.84 -4.07 34.61
N VAL D 24 -22.30 -3.98 35.82
CA VAL D 24 -20.94 -4.44 36.06
C VAL D 24 -20.89 -5.59 37.06
N SER D 25 -19.82 -6.37 37.00
CA SER D 25 -19.60 -7.46 37.93
C SER D 25 -18.11 -7.73 38.13
N GLY D 26 -17.76 -8.26 39.30
CA GLY D 26 -16.38 -8.63 39.58
C GLY D 26 -15.64 -7.49 40.22
N PHE D 27 -16.38 -6.41 40.49
CA PHE D 27 -15.89 -5.25 41.23
C PHE D 27 -17.07 -4.39 41.65
N SER D 28 -16.83 -3.46 42.58
CA SER D 28 -17.92 -2.67 43.14
C SER D 28 -17.90 -1.23 42.64
N LEU D 29 -19.08 -0.70 42.33
CA LEU D 29 -19.17 0.69 41.91
C LEU D 29 -18.71 1.65 43.01
N THR D 30 -18.70 1.19 44.26
CA THR D 30 -18.25 2.02 45.38
C THR D 30 -16.71 2.09 45.48
N ASN D 31 -16.02 1.30 44.65
CA ASN D 31 -14.56 1.36 44.61
C ASN D 31 -13.99 1.91 43.30
N TYR D 32 -14.72 1.77 42.20
CA TYR D 32 -14.22 2.26 40.91
C TYR D 32 -15.11 3.25 40.18
N GLY D 33 -14.50 4.18 39.46
CA GLY D 33 -15.24 5.04 38.57
C GLY D 33 -15.57 4.25 37.31
N VAL D 34 -16.67 4.62 36.66
CA VAL D 34 -16.96 4.07 35.33
C VAL D 34 -16.92 5.20 34.31
N HIS D 35 -16.13 5.02 33.27
CA HIS D 35 -16.01 6.03 32.22
C HIS D 35 -16.91 5.72 31.03
N TRP D 36 -17.18 6.73 30.22
CA TRP D 36 -17.91 6.51 28.97
C TRP D 36 -17.11 7.06 27.79
N VAL D 37 -16.90 6.20 26.80
CA VAL D 37 -16.16 6.57 25.61
C VAL D 37 -17.05 6.25 24.42
N ARG D 38 -17.05 7.11 23.40
CA ARG D 38 -17.69 6.77 22.15
C ARG D 38 -16.70 6.73 20.98
N GLN D 39 -17.10 6.02 19.92
CA GLN D 39 -16.26 5.88 18.74
C GLN D 39 -17.12 6.16 17.50
N SER D 40 -16.78 7.21 16.77
CA SER D 40 -17.60 7.66 15.65
C SER D 40 -16.76 7.86 14.39
N PRO D 41 -17.40 7.81 13.21
CA PRO D 41 -16.70 8.05 11.94
C PRO D 41 -15.97 9.40 11.89
N GLY D 42 -16.60 10.45 12.37
CA GLY D 42 -15.98 11.77 12.30
C GLY D 42 -14.92 12.09 13.34
N LYS D 43 -15.06 11.55 14.54
CA LYS D 43 -14.20 11.99 15.65
C LYS D 43 -13.40 10.86 16.27
N GLY D 44 -13.56 9.66 15.75
CA GLY D 44 -12.83 8.52 16.25
C GLY D 44 -13.18 8.25 17.70
N LEU D 45 -12.21 7.78 18.47
CA LEU D 45 -12.40 7.50 19.89
C LEU D 45 -12.44 8.79 20.68
N GLU D 46 -13.46 8.96 21.51
CA GLU D 46 -13.70 10.22 22.20
C GLU D 46 -14.22 9.95 23.64
N TRP D 47 -13.51 10.47 24.63
CA TRP D 47 -13.89 10.31 26.05
C TRP D 47 -15.02 11.27 26.39
N LEU D 48 -16.11 10.73 26.94
CA LEU D 48 -17.31 11.54 27.17
C LEU D 48 -17.46 12.00 28.63
N GLY D 49 -17.17 11.10 29.56
CA GLY D 49 -17.25 11.47 30.95
C GLY D 49 -17.03 10.29 31.88
N VAL D 50 -17.25 10.54 33.17
CA VAL D 50 -16.98 9.54 34.20
C VAL D 50 -17.90 9.80 35.41
N ILE D 51 -18.41 8.73 36.00
CA ILE D 51 -18.96 8.82 37.34
C ILE D 51 -18.03 8.10 38.35
N TRP D 52 -17.62 8.83 39.38
CA TRP D 52 -16.64 8.32 40.34
C TRP D 52 -17.27 7.54 41.49
N SER D 53 -16.44 6.79 42.20
CA SER D 53 -16.89 5.95 43.32
C SER D 53 -17.90 6.64 44.23
N GLY D 54 -17.63 7.90 44.56
CA GLY D 54 -18.46 8.65 45.48
C GLY D 54 -19.67 9.35 44.86
N GLY D 55 -19.85 9.17 43.55
CA GLY D 55 -21.02 9.72 42.89
C GLY D 55 -20.77 11.00 42.10
N ASN D 56 -19.66 11.67 42.34
CA ASN D 56 -19.27 12.84 41.54
C ASN D 56 -19.23 12.52 40.04
N THR D 57 -19.39 13.54 39.19
CA THR D 57 -19.26 13.34 37.77
C THR D 57 -18.36 14.38 37.12
N ASP D 58 -17.58 13.96 36.12
CA ASP D 58 -16.90 14.88 35.22
C ASP D 58 -17.41 14.62 33.80
N TYR D 59 -17.70 15.69 33.06
CA TYR D 59 -18.11 15.56 31.66
C TYR D 59 -17.13 16.30 30.79
N ASN D 60 -16.73 15.68 29.69
CA ASN D 60 -15.90 16.37 28.73
C ASN D 60 -16.62 17.62 28.26
N THR D 61 -15.87 18.72 28.12
CA THR D 61 -16.43 20.05 27.85
C THR D 61 -17.60 20.12 26.85
N PRO D 62 -17.49 19.48 25.68
CA PRO D 62 -18.60 19.65 24.72
C PRO D 62 -19.90 18.91 25.09
N PHE D 63 -19.94 18.18 26.19
CA PHE D 63 -21.14 17.39 26.50
C PHE D 63 -21.78 17.81 27.81
N THR D 64 -21.09 18.68 28.55
CA THR D 64 -21.53 19.11 29.89
C THR D 64 -23.01 19.48 29.96
N SER D 65 -23.50 20.14 28.92
CA SER D 65 -24.88 20.61 28.91
C SER D 65 -25.90 19.58 28.41
N ARG D 66 -25.45 18.54 27.71
CA ARG D 66 -26.42 17.56 27.21
C ARG D 66 -26.25 16.14 27.73
N LEU D 67 -25.40 15.97 28.74
CA LEU D 67 -25.02 14.63 29.17
C LEU D 67 -25.17 14.45 30.67
N SER D 68 -25.67 13.30 31.08
CA SER D 68 -25.84 12.99 32.49
CA SER D 68 -25.84 12.99 32.49
C SER D 68 -25.48 11.54 32.76
N ILE D 69 -24.75 11.30 33.83
CA ILE D 69 -24.39 9.95 34.20
C ILE D 69 -24.81 9.74 35.64
N ASN D 70 -25.58 8.69 35.89
CA ASN D 70 -26.00 8.31 37.23
C ASN D 70 -25.73 6.83 37.44
N LYS D 71 -25.97 6.35 38.65
CA LYS D 71 -25.69 4.95 38.94
C LYS D 71 -26.50 4.49 40.15
N ASP D 72 -26.44 3.18 40.39
CA ASP D 72 -27.10 2.51 41.50
C ASP D 72 -26.10 1.49 42.03
N ASN D 73 -25.50 1.78 43.19
CA ASN D 73 -24.46 0.88 43.71
C ASN D 73 -24.96 -0.52 44.04
N SER D 74 -26.17 -0.60 44.60
CA SER D 74 -26.69 -1.90 45.04
C SER D 74 -27.06 -2.78 43.86
N LYS D 75 -27.36 -2.17 42.71
CA LYS D 75 -27.63 -2.93 41.50
C LYS D 75 -26.40 -3.09 40.57
N SER D 76 -25.29 -2.45 40.91
CA SER D 76 -24.11 -2.45 40.05
C SER D 76 -24.44 -1.96 38.65
N GLN D 77 -25.27 -0.92 38.58
CA GLN D 77 -25.71 -0.39 37.30
C GLN D 77 -25.30 1.07 37.12
N VAL D 78 -24.81 1.40 35.92
CA VAL D 78 -24.49 2.78 35.59
C VAL D 78 -25.36 3.27 34.44
N PHE D 79 -25.91 4.47 34.59
CA PHE D 79 -26.82 5.03 33.61
C PHE D 79 -26.23 6.21 32.84
N PHE D 80 -26.28 6.10 31.52
CA PHE D 80 -25.74 7.10 30.62
C PHE D 80 -26.90 7.71 29.87
N LYS D 81 -27.02 9.03 29.91
CA LYS D 81 -28.05 9.70 29.13
C LYS D 81 -27.46 10.91 28.41
N MET D 82 -27.84 11.06 27.15
CA MET D 82 -27.42 12.21 26.35
C MET D 82 -28.61 12.83 25.62
N ASN D 83 -28.61 14.15 25.49
CA ASN D 83 -29.77 14.92 25.00
C ASN D 83 -29.62 15.45 23.60
N SER D 84 -30.76 15.74 22.97
CA SER D 84 -30.83 16.32 21.63
C SER D 84 -29.79 15.77 20.66
N LEU D 85 -29.82 14.45 20.45
CA LEU D 85 -28.86 13.80 19.57
C LEU D 85 -29.08 14.26 18.15
N GLN D 86 -27.99 14.40 17.42
CA GLN D 86 -28.09 14.68 16.00
C GLN D 86 -27.45 13.54 15.24
N SER D 87 -27.49 13.65 13.91
CA SER D 87 -27.03 12.59 13.03
C SER D 87 -25.61 12.13 13.35
N ASN D 88 -24.70 13.06 13.56
CA ASN D 88 -23.31 12.70 13.82
C ASN D 88 -23.06 12.21 15.25
N ASP D 89 -24.13 11.97 16.00
CA ASP D 89 -23.99 11.31 17.28
C ASP D 89 -24.17 9.81 17.11
N THR D 90 -24.33 9.39 15.86
CA THR D 90 -24.38 7.99 15.51
C THR D 90 -22.98 7.43 15.78
N ALA D 91 -22.89 6.46 16.67
CA ALA D 91 -21.59 5.98 17.13
C ALA D 91 -21.71 4.72 17.98
N ILE D 92 -20.56 4.16 18.35
CA ILE D 92 -20.55 3.09 19.32
C ILE D 92 -20.20 3.70 20.69
N TYR D 93 -21.07 3.47 21.67
CA TYR D 93 -20.87 4.00 23.02
C TYR D 93 -20.43 2.88 23.94
N TYR D 94 -19.29 3.10 24.62
CA TYR D 94 -18.72 2.14 25.56
C TYR D 94 -18.78 2.69 26.97
N CYS D 95 -18.97 1.79 27.92
CA CYS D 95 -18.53 2.04 29.28
C CYS D 95 -17.19 1.35 29.51
N ALA D 96 -16.42 1.86 30.47
CA ALA D 96 -15.08 1.35 30.67
C ALA D 96 -14.61 1.57 32.10
N ARG D 97 -13.71 0.71 32.56
CA ARG D 97 -13.13 0.82 33.89
C ARG D 97 -11.60 0.86 33.82
N ALA D 98 -10.99 1.71 34.63
CA ALA D 98 -9.53 1.83 34.66
C ALA D 98 -8.90 0.75 35.53
N LEU D 99 -7.58 0.58 35.40
CA LEU D 99 -6.84 -0.38 36.20
C LEU D 99 -6.91 0.01 37.67
N THR D 100 -6.62 1.28 37.95
CA THR D 100 -6.67 1.79 39.32
C THR D 100 -7.84 2.75 39.45
N TYR D 101 -8.35 2.92 40.68
CA TYR D 101 -9.63 3.57 40.93
C TYR D 101 -9.76 5.03 40.47
N TYR D 102 -8.62 5.70 40.32
CA TYR D 102 -8.54 7.13 40.07
C TYR D 102 -7.98 7.44 38.68
N ASP D 103 -7.48 6.41 38.01
CA ASP D 103 -6.74 6.58 36.77
C ASP D 103 -7.61 6.47 35.50
N TYR D 104 -6.97 6.46 34.35
CA TYR D 104 -7.70 6.50 33.08
C TYR D 104 -7.13 5.50 32.08
N GLU D 105 -6.44 4.48 32.58
CA GLU D 105 -5.98 3.44 31.67
C GLU D 105 -7.04 2.32 31.60
N PHE D 106 -7.79 2.34 30.51
CA PHE D 106 -8.99 1.52 30.40
C PHE D 106 -8.67 0.05 30.10
N ALA D 107 -8.54 -0.71 31.17
CA ALA D 107 -8.20 -2.11 31.08
C ALA D 107 -9.45 -2.94 30.81
N TYR D 108 -10.62 -2.41 31.15
CA TYR D 108 -11.85 -3.18 31.02
C TYR D 108 -12.92 -2.40 30.28
N TRP D 109 -13.45 -2.99 29.20
CA TRP D 109 -14.50 -2.34 28.41
C TRP D 109 -15.79 -3.14 28.37
N GLY D 110 -16.91 -2.44 28.14
CA GLY D 110 -18.16 -3.08 27.81
C GLY D 110 -18.11 -3.54 26.35
N GLN D 111 -19.10 -4.30 25.91
CA GLN D 111 -19.06 -4.77 24.53
C GLN D 111 -19.40 -3.65 23.55
N GLY D 112 -19.90 -2.53 24.08
CA GLY D 112 -20.26 -1.39 23.26
C GLY D 112 -21.69 -1.46 22.75
N THR D 113 -22.29 -0.30 22.51
CA THR D 113 -23.67 -0.21 22.08
C THR D 113 -23.78 0.65 20.82
N LEU D 114 -24.21 0.05 19.71
CA LEU D 114 -24.35 0.77 18.45
C LEU D 114 -25.64 1.57 18.44
N VAL D 115 -25.50 2.89 18.49
CA VAL D 115 -26.64 3.78 18.52
C VAL D 115 -26.77 4.50 17.20
N THR D 116 -27.92 4.37 16.56
CA THR D 116 -28.15 5.04 15.29
C THR D 116 -29.10 6.20 15.52
N VAL D 117 -28.73 7.36 15.02
CA VAL D 117 -29.62 8.52 15.08
C VAL D 117 -30.22 8.74 13.71
N SER D 118 -31.53 8.49 13.60
CA SER D 118 -32.21 8.53 12.31
C SER D 118 -33.72 8.72 12.48
N ALA D 119 -34.31 9.41 11.52
CA ALA D 119 -35.75 9.65 11.55
C ALA D 119 -36.56 8.44 11.12
N ALA D 120 -35.92 7.40 10.61
CA ALA D 120 -36.60 6.24 10.04
C ALA D 120 -37.18 5.34 11.13
N SER D 121 -37.78 4.24 10.70
CA SER D 121 -38.41 3.27 11.58
C SER D 121 -37.55 2.01 11.67
N THR D 122 -37.66 1.32 12.81
CA THR D 122 -37.01 0.02 12.94
C THR D 122 -37.70 -0.96 11.99
N LYS D 123 -36.94 -1.87 11.40
CA LYS D 123 -37.49 -2.94 10.59
C LYS D 123 -36.63 -4.20 10.67
N GLY D 124 -37.27 -5.34 10.94
CA GLY D 124 -36.57 -6.61 11.02
C GLY D 124 -36.27 -7.16 9.64
N PRO D 125 -35.28 -8.06 9.54
CA PRO D 125 -34.84 -8.57 8.25
C PRO D 125 -35.64 -9.78 7.78
N SER D 126 -35.61 -9.99 6.48
CA SER D 126 -35.97 -11.27 5.89
C SER D 126 -34.68 -12.09 5.73
N VAL D 127 -34.77 -13.37 6.03
CA VAL D 127 -33.63 -14.27 5.94
C VAL D 127 -33.87 -15.28 4.82
N PHE D 128 -32.98 -15.33 3.84
CA PHE D 128 -33.13 -16.22 2.70
C PHE D 128 -31.94 -17.17 2.59
N PRO D 129 -32.18 -18.42 2.16
CA PRO D 129 -31.06 -19.36 2.06
C PRO D 129 -30.18 -19.07 0.85
N LEU D 130 -28.88 -19.19 1.03
CA LEU D 130 -27.95 -19.24 -0.09
C LEU D 130 -27.56 -20.70 -0.29
N ALA D 131 -28.27 -21.35 -1.21
CA ALA D 131 -28.26 -22.80 -1.33
C ALA D 131 -27.18 -23.34 -2.24
N PRO D 132 -26.38 -24.28 -1.71
CA PRO D 132 -25.30 -24.99 -2.42
C PRO D 132 -25.81 -25.86 -3.56
N SER D 133 -25.07 -25.87 -4.67
CA SER D 133 -25.42 -26.73 -5.80
C SER D 133 -24.16 -27.22 -6.52
N GLY D 139 -13.37 -28.15 -4.35
CA GLY D 139 -12.70 -29.44 -4.27
C GLY D 139 -13.37 -30.36 -3.26
N GLY D 140 -14.59 -30.78 -3.57
CA GLY D 140 -15.44 -31.46 -2.61
C GLY D 140 -15.98 -30.49 -1.57
N THR D 141 -15.60 -29.22 -1.70
CA THR D 141 -16.04 -28.16 -0.81
C THR D 141 -17.27 -27.47 -1.38
N ALA D 142 -18.29 -27.29 -0.55
CA ALA D 142 -19.50 -26.58 -0.94
C ALA D 142 -19.62 -25.30 -0.13
N ALA D 143 -20.20 -24.27 -0.73
CA ALA D 143 -20.46 -23.06 0.01
C ALA D 143 -21.95 -22.95 0.23
N LEU D 144 -22.35 -22.45 1.38
CA LEU D 144 -23.74 -22.17 1.61
C LEU D 144 -23.83 -20.94 2.49
N GLY D 145 -25.01 -20.36 2.65
CA GLY D 145 -25.09 -19.15 3.40
C GLY D 145 -26.48 -18.66 3.65
N CYS D 146 -26.56 -17.49 4.29
CA CYS D 146 -27.83 -16.85 4.59
C CYS D 146 -27.79 -15.39 4.16
N LEU D 147 -28.83 -14.97 3.45
CA LEU D 147 -28.95 -13.58 3.01
C LEU D 147 -29.88 -12.84 3.96
N VAL D 148 -29.34 -11.86 4.67
CA VAL D 148 -30.09 -11.16 5.69
C VAL D 148 -30.42 -9.76 5.15
N LYS D 149 -31.67 -9.59 4.73
CA LYS D 149 -32.04 -8.50 3.83
C LYS D 149 -33.10 -7.54 4.35
N ASP D 150 -32.89 -6.25 4.11
CA ASP D 150 -33.88 -5.19 4.36
C ASP D 150 -34.17 -4.93 5.83
N TYR D 151 -33.15 -4.60 6.59
CA TYR D 151 -33.35 -4.32 8.01
C TYR D 151 -32.77 -2.97 8.36
N PHE D 152 -33.30 -2.39 9.42
CA PHE D 152 -32.81 -1.14 9.95
C PHE D 152 -33.14 -1.05 11.43
N PRO D 153 -32.20 -0.51 12.24
CA PRO D 153 -30.84 -0.16 11.85
C PRO D 153 -29.91 -1.35 12.04
N GLU D 154 -28.62 -1.09 11.92
CA GLU D 154 -27.61 -2.04 12.34
C GLU D 154 -27.63 -2.14 13.86
N PRO D 155 -27.07 -3.23 14.40
CA PRO D 155 -26.47 -4.38 13.69
C PRO D 155 -27.40 -5.57 13.70
N VAL D 156 -26.99 -6.60 12.98
CA VAL D 156 -27.58 -7.92 13.14
C VAL D 156 -26.46 -8.91 13.54
N THR D 157 -26.76 -9.88 14.39
CA THR D 157 -25.76 -10.89 14.68
C THR D 157 -26.15 -12.18 13.99
N VAL D 158 -25.15 -12.82 13.38
CA VAL D 158 -25.35 -14.10 12.73
C VAL D 158 -24.35 -15.09 13.28
N SER D 159 -24.85 -16.28 13.65
CA SER D 159 -23.99 -17.39 14.01
C SER D 159 -24.45 -18.59 13.24
N TRP D 160 -23.69 -19.68 13.32
CA TRP D 160 -24.07 -20.93 12.65
C TRP D 160 -24.13 -22.10 13.62
N ASN D 161 -25.23 -22.86 13.54
CA ASN D 161 -25.44 -24.02 14.40
C ASN D 161 -25.27 -23.70 15.89
N SER D 162 -25.81 -22.56 16.32
CA SER D 162 -25.76 -22.12 17.71
C SER D 162 -24.34 -21.91 18.27
N GLY D 163 -23.43 -21.44 17.45
CA GLY D 163 -22.07 -21.22 17.91
C GLY D 163 -21.13 -22.36 17.63
N ALA D 164 -21.67 -23.56 17.40
CA ALA D 164 -20.85 -24.75 17.19
C ALA D 164 -19.99 -24.69 15.92
N LEU D 165 -20.47 -23.99 14.90
CA LEU D 165 -19.77 -23.93 13.61
C LEU D 165 -19.16 -22.55 13.39
N THR D 166 -17.83 -22.47 13.45
CA THR D 166 -17.14 -21.20 13.32
C THR D 166 -16.09 -21.25 12.22
N SER D 167 -15.54 -22.43 12.00
CA SER D 167 -14.53 -22.62 10.97
C SER D 167 -15.10 -22.42 9.57
N GLY D 168 -14.50 -21.49 8.83
CA GLY D 168 -14.87 -21.21 7.46
C GLY D 168 -16.02 -20.25 7.30
N VAL D 169 -16.51 -19.70 8.42
CA VAL D 169 -17.58 -18.72 8.37
C VAL D 169 -17.10 -17.32 8.00
N HIS D 170 -17.73 -16.71 6.99
CA HIS D 170 -17.54 -15.29 6.72
C HIS D 170 -18.88 -14.58 6.77
N THR D 171 -18.99 -13.66 7.72
CA THR D 171 -20.15 -12.80 7.77
C THR D 171 -19.72 -11.44 7.29
N PHE D 172 -20.28 -11.02 6.16
CA PHE D 172 -19.87 -9.82 5.46
C PHE D 172 -20.37 -8.55 6.13
N PRO D 173 -19.63 -7.45 5.98
CA PRO D 173 -20.13 -6.17 6.47
C PRO D 173 -21.43 -5.81 5.74
N ALA D 174 -22.39 -5.24 6.47
CA ALA D 174 -23.66 -4.80 5.91
C ALA D 174 -23.45 -3.73 4.85
N VAL D 175 -24.27 -3.72 3.82
CA VAL D 175 -24.30 -2.57 2.92
C VAL D 175 -25.62 -1.83 3.03
N LEU D 176 -25.53 -0.51 2.97
CA LEU D 176 -26.70 0.32 2.85
C LEU D 176 -27.25 0.21 1.43
N GLN D 177 -28.47 -0.29 1.30
CA GLN D 177 -29.13 -0.33 0.01
C GLN D 177 -29.73 1.04 -0.32
N SER D 178 -30.03 1.27 -1.59
CA SER D 178 -30.55 2.57 -2.02
C SER D 178 -31.92 2.81 -1.39
N SER D 179 -32.53 1.74 -0.90
CA SER D 179 -33.80 1.84 -0.19
C SER D 179 -33.65 2.41 1.21
N GLY D 180 -32.41 2.54 1.69
CA GLY D 180 -32.17 2.98 3.05
C GLY D 180 -32.18 1.83 4.05
N LEU D 181 -32.29 0.61 3.55
CA LEU D 181 -32.29 -0.56 4.43
C LEU D 181 -30.96 -1.27 4.25
N TYR D 182 -30.53 -1.97 5.30
CA TYR D 182 -29.29 -2.72 5.25
C TYR D 182 -29.49 -4.12 4.72
N SER D 183 -28.42 -4.70 4.22
CA SER D 183 -28.46 -6.10 3.83
C SER D 183 -27.08 -6.68 4.07
N LEU D 184 -27.04 -7.95 4.43
CA LEU D 184 -25.78 -8.68 4.50
C LEU D 184 -25.95 -10.16 4.22
N SER D 185 -24.86 -10.79 3.83
CA SER D 185 -24.79 -12.23 3.73
C SER D 185 -23.77 -12.79 4.73
N SER D 186 -24.03 -14.01 5.17
CA SER D 186 -23.08 -14.79 5.94
C SER D 186 -22.95 -16.12 5.24
N VAL D 187 -21.73 -16.55 4.99
CA VAL D 187 -21.51 -17.81 4.27
C VAL D 187 -20.56 -18.75 5.01
N VAL D 188 -20.58 -20.03 4.67
CA VAL D 188 -19.62 -20.95 5.26
C VAL D 188 -19.28 -21.99 4.22
N THR D 189 -18.06 -22.48 4.25
CA THR D 189 -17.69 -23.58 3.38
C THR D 189 -17.64 -24.88 4.19
N VAL D 190 -18.18 -25.94 3.62
CA VAL D 190 -18.30 -27.22 4.30
C VAL D 190 -17.95 -28.36 3.33
N PRO D 191 -17.63 -29.54 3.87
CA PRO D 191 -17.46 -30.67 2.94
C PRO D 191 -18.77 -31.00 2.26
N SER D 192 -18.75 -31.08 0.94
CA SER D 192 -19.97 -31.37 0.22
C SER D 192 -20.56 -32.74 0.55
N SER D 193 -19.74 -33.68 1.02
CA SER D 193 -20.28 -34.98 1.40
C SER D 193 -21.02 -34.95 2.74
N SER D 194 -21.07 -33.80 3.40
CA SER D 194 -21.77 -33.67 4.67
C SER D 194 -23.16 -33.03 4.51
N LEU D 195 -23.46 -32.59 3.30
CA LEU D 195 -24.72 -31.88 3.05
C LEU D 195 -25.98 -32.68 3.37
N GLY D 196 -25.89 -34.01 3.23
CA GLY D 196 -27.04 -34.86 3.45
C GLY D 196 -27.32 -35.18 4.90
N THR D 197 -26.27 -35.40 5.69
CA THR D 197 -26.43 -35.84 7.08
C THR D 197 -26.22 -34.76 8.12
N GLN D 198 -25.37 -33.76 7.83
CA GLN D 198 -25.13 -32.69 8.79
C GLN D 198 -26.03 -31.50 8.48
N THR D 199 -26.75 -31.00 9.48
CA THR D 199 -27.64 -29.90 9.19
C THR D 199 -27.02 -28.53 9.55
N TYR D 200 -27.23 -27.57 8.66
CA TYR D 200 -26.63 -26.26 8.79
C TYR D 200 -27.70 -25.20 9.04
N ILE D 201 -27.54 -24.48 10.14
CA ILE D 201 -28.50 -23.45 10.52
C ILE D 201 -27.81 -22.11 10.70
N CYS D 202 -28.36 -21.07 10.09
CA CYS D 202 -27.89 -19.75 10.45
C CYS D 202 -28.83 -19.16 11.50
N ASN D 203 -28.25 -18.58 12.53
CA ASN D 203 -29.04 -18.00 13.60
C ASN D 203 -28.97 -16.51 13.47
N VAL D 204 -30.11 -15.91 13.15
CA VAL D 204 -30.12 -14.50 12.88
C VAL D 204 -30.81 -13.77 14.00
N ASN D 205 -30.14 -12.74 14.50
CA ASN D 205 -30.70 -11.98 15.58
C ASN D 205 -30.55 -10.51 15.30
N HIS D 206 -31.68 -9.86 15.05
CA HIS D 206 -31.71 -8.41 14.90
C HIS D 206 -32.38 -7.87 16.14
N LYS D 207 -31.56 -7.48 17.13
CA LYS D 207 -32.08 -7.02 18.42
C LYS D 207 -33.02 -5.79 18.38
N PRO D 208 -32.68 -4.73 17.61
CA PRO D 208 -33.54 -3.54 17.59
C PRO D 208 -35.02 -3.83 17.28
N SER D 209 -35.31 -4.95 16.64
CA SER D 209 -36.68 -5.28 16.24
C SER D 209 -37.15 -6.57 16.91
N ASN D 210 -36.32 -7.09 17.81
CA ASN D 210 -36.56 -8.40 18.44
C ASN D 210 -36.93 -9.48 17.42
N THR D 211 -36.20 -9.51 16.30
CA THR D 211 -36.37 -10.57 15.33
C THR D 211 -35.29 -11.61 15.57
N LYS D 212 -35.71 -12.84 15.82
CA LYS D 212 -34.80 -13.98 15.92
C LYS D 212 -35.28 -15.07 14.96
N VAL D 213 -34.40 -15.49 14.05
CA VAL D 213 -34.77 -16.50 13.07
C VAL D 213 -33.63 -17.50 12.99
N ASP D 214 -33.98 -18.78 13.07
CA ASP D 214 -33.05 -19.86 12.79
C ASP D 214 -33.47 -20.44 11.46
N LYS D 215 -32.59 -20.37 10.48
CA LYS D 215 -32.91 -20.85 9.14
C LYS D 215 -31.98 -21.97 8.73
N ARG D 216 -32.56 -23.09 8.35
CA ARG D 216 -31.77 -24.19 7.81
C ARG D 216 -31.47 -23.92 6.34
N VAL D 217 -30.26 -24.23 5.94
CA VAL D 217 -29.85 -24.04 4.56
C VAL D 217 -29.34 -25.36 4.01
N GLU D 218 -29.94 -25.81 2.92
CA GLU D 218 -29.60 -27.11 2.36
C GLU D 218 -29.73 -27.07 0.85
N PRO D 219 -29.16 -28.05 0.14
CA PRO D 219 -29.23 -27.96 -1.34
C PRO D 219 -30.68 -28.10 -1.81
N LYS D 220 -31.05 -27.35 -2.83
CA LYS D 220 -32.46 -27.26 -3.24
C LYS D 220 -32.94 -28.48 -4.02
N GLN E 1 14.71 -3.39 -1.48
CA GLN E 1 15.95 -3.72 -2.17
C GLN E 1 16.23 -2.78 -3.35
N PHE E 2 17.46 -2.28 -3.42
CA PHE E 2 17.83 -1.26 -4.39
C PHE E 2 18.13 -1.85 -5.75
N ASP E 3 17.60 -1.21 -6.80
CA ASP E 3 17.71 -1.69 -8.17
C ASP E 3 18.57 -0.75 -9.00
N LEU E 4 19.70 -1.25 -9.49
CA LEU E 4 20.67 -0.41 -10.18
C LEU E 4 20.14 0.16 -11.49
N SER E 5 19.22 -0.54 -12.14
CA SER E 5 18.69 -0.06 -13.41
C SER E 5 17.89 1.23 -13.24
N THR E 6 17.07 1.31 -12.19
CA THR E 6 16.17 2.44 -12.00
C THR E 6 16.64 3.39 -10.91
N C67 E 7 17.58 2.94 -10.09
CA C67 E 7 18.10 3.71 -8.91
C C67 E 7 16.95 3.89 -7.90
O C67 E 7 16.87 4.87 -7.17
CB C67 E 7 18.67 5.08 -9.25
CG C67 E 7 19.93 5.03 -10.10
CD C67 E 7 20.64 6.39 -10.04
NE C67 E 7 21.85 6.41 -10.93
NE C67 E 7 21.79 6.46 -11.00
CZ C67 E 7 22.73 7.29 -10.90
CZ C67 E 7 22.83 7.12 -10.79
NH1 C67 E 7 22.63 8.26 -10.10
NH1 C67 E 7 22.95 7.78 -9.72
NH2 C67 E 7 23.86 7.22 -11.81
NH2 C67 E 7 23.91 7.15 -11.78
C01 C67 E 7 24.21 6.67 -14.17
C01 C67 E 7 23.70 4.92 -12.87
C02 C67 E 7 24.00 6.11 -12.75
C02 C67 E 7 23.90 6.43 -13.05
C03 C67 E 7 25.50 6.33 -14.80
C03 C67 E 7 22.44 4.41 -13.45
O02 C67 E 7 26.10 5.23 -14.43
O02 C67 E 7 22.24 4.56 -14.74
O03 C67 E 7 25.98 7.03 -15.66
O03 C67 E 7 21.61 3.87 -12.76
N ARG E 8 16.06 2.91 -7.85
CA ARG E 8 14.94 2.96 -6.92
C ARG E 8 14.83 1.67 -6.13
N LEU E 9 14.23 1.76 -4.94
CA LEU E 9 13.88 0.57 -4.19
C LEU E 9 12.73 -0.15 -4.89
N LYS E 10 12.84 -1.47 -5.00
CA LYS E 10 11.82 -2.26 -5.69
C LYS E 10 11.10 -3.17 -4.71
N GLN F 1 -10.81 6.47 8.22
CA GLN F 1 -12.10 6.76 8.83
C GLN F 1 -12.69 5.52 9.50
N PHE F 2 -13.26 5.70 10.69
CA PHE F 2 -13.81 4.59 11.44
C PHE F 2 -15.16 4.17 10.87
N ASP F 3 -15.34 2.86 10.67
CA ASP F 3 -16.56 2.30 10.09
C ASP F 3 -17.30 1.54 11.17
N LEU F 4 -18.55 1.93 11.41
CA LEU F 4 -19.32 1.34 12.51
C LEU F 4 -19.72 -0.10 12.23
N SER F 5 -19.88 -0.45 10.95
CA SER F 5 -20.32 -1.81 10.62
C SER F 5 -19.24 -2.85 10.97
N THR F 6 -17.97 -2.47 10.90
CA THR F 6 -16.89 -3.43 11.10
C THR F 6 -16.07 -3.13 12.35
N C67 F 7 -16.29 -1.95 12.93
CA C67 F 7 -15.48 -1.46 14.09
C C67 F 7 -14.01 -1.40 13.65
O C67 F 7 -13.09 -1.64 14.43
CB C67 F 7 -15.63 -2.32 15.37
CG C67 F 7 -17.04 -2.34 15.96
CD C67 F 7 -17.00 -2.67 17.46
NE C67 F 7 -18.38 -2.95 18.00
NE C67 F 7 -18.36 -2.94 18.06
CZ C67 F 7 -18.65 -3.06 19.21
CZ C67 F 7 -18.55 -3.14 19.27
NH1 C67 F 7 -17.74 -2.92 20.07
NH1 C67 F 7 -17.57 -3.11 20.06
NH2 C67 F 7 -20.03 -3.33 19.66
NH2 C67 F 7 -19.89 -3.39 19.80
C01 C67 F 7 -21.32 -2.73 17.55
C01 C67 F 7 -22.10 -4.34 19.76
C02 C67 F 7 -21.25 -3.53 18.86
C02 C67 F 7 -21.11 -3.46 18.99
C03 C67 F 7 -21.07 -3.55 16.34
C03 C67 F 7 -23.54 -4.21 19.42
O02 C67 F 7 -20.07 -3.43 15.69
O02 C67 F 7 -24.11 -5.10 18.82
O03 C67 F 7 -21.99 -4.44 16.00
O03 C67 F 7 -24.18 -3.13 19.77
N ARG F 8 -13.79 -1.09 12.38
CA ARG F 8 -12.44 -1.00 11.83
C ARG F 8 -12.22 0.29 11.04
N LEU F 9 -10.98 0.75 11.01
CA LEU F 9 -10.61 1.86 10.13
C LEU F 9 -10.69 1.42 8.67
N LYS F 10 -11.16 2.31 7.82
CA LYS F 10 -11.27 2.02 6.39
C LYS F 10 -10.54 3.08 5.56
S SO4 G . 10.75 20.39 -5.90
O1 SO4 G . 9.39 20.93 -5.82
O2 SO4 G . 10.93 19.67 -7.15
O3 SO4 G . 10.96 19.48 -4.78
O4 SO4 G . 11.72 21.49 -5.87
S SO4 H . -3.13 -12.78 21.67
O1 SO4 H . -4.47 -13.14 21.20
O2 SO4 H . -2.13 -13.61 21.01
O3 SO4 H . -3.08 -13.01 23.11
O4 SO4 H . -2.87 -11.37 21.36
S SO4 I . -20.86 -0.73 -11.85
O1 SO4 I . -21.80 -1.82 -11.60
O2 SO4 I . -20.44 -0.70 -13.26
O3 SO4 I . -21.49 0.56 -11.54
O4 SO4 I . -19.68 -0.92 -10.99
#